data_6L2I
#
_entry.id   6L2I
#
_cell.length_a   69.063
_cell.length_b   104.349
_cell.length_c   110.942
_cell.angle_alpha   90.000
_cell.angle_beta   90.000
_cell.angle_gamma   90.000
#
_symmetry.space_group_name_H-M   'P 21 21 21'
#
loop_
_entity.id
_entity.type
_entity.pdbx_description
1 polymer 'Ketol-acid reductoisomerase (NADP(+))'
2 non-polymer GLYCEROL
3 non-polymer 'SULFATE ION'
4 non-polymer 'NADP NICOTINAMIDE-ADENINE-DINUCLEOTIDE PHOSPHATE'
5 non-polymer 'MAGNESIUM ION'
6 water water
#
_entity_poly.entity_id   1
_entity_poly.type   'polypeptide(L)'
_entity_poly.pdbx_seq_one_letter_code
;MTVQMEYEKDVKVAALDGKKIAVIGYGSQGHAHAQNLRDSGRDVIIGVRPGKSFDKAKEDGFDTYTVAEATKLADVIMIL
APDEIQQELYEAEIAPNLEAGNAVGFAHGFNIHFEFIKVPADVDVFMCAPKGPGHLVRRTYEEGFGVPALYAVYQDATGN
AKNIAMDWCKGVGAARVGLLETTYKEETEEDLFGEQAVLCGGLTALIEAGFEVLTEAGYAPELAYFEVLHEMKLIVDLIY
EGGFKKMRQSISNTAEYGDYVSGPRVITEQVKENMKAVLADIQNGKFANDFVNDYKAGRPKLTAYREQAANLEIEKVGAE
LRKAMPFVGKNDDDAFKIYN
;
_entity_poly.pdbx_strand_id   A,B
#
loop_
_chem_comp.id
_chem_comp.type
_chem_comp.name
_chem_comp.formula
GOL non-polymer GLYCEROL 'C3 H8 O3'
MG non-polymer 'MAGNESIUM ION' 'Mg 2'
NAP non-polymer 'NADP NICOTINAMIDE-ADENINE-DINUCLEOTIDE PHOSPHATE' 'C21 H28 N7 O17 P3'
SO4 non-polymer 'SULFATE ION' 'O4 S -2'
#
# COMPACT_ATOMS: atom_id res chain seq x y z
N VAL A 3 14.66 -21.52 -3.41
CA VAL A 3 14.37 -21.68 -1.99
C VAL A 3 12.88 -21.95 -1.79
N GLN A 4 12.57 -22.93 -0.93
CA GLN A 4 11.19 -23.34 -0.70
C GLN A 4 10.71 -22.90 0.69
N MET A 5 9.45 -22.50 0.79
CA MET A 5 8.94 -22.09 2.10
C MET A 5 8.74 -23.28 3.01
N GLU A 6 9.11 -23.09 4.27
CA GLU A 6 9.08 -24.14 5.27
C GLU A 6 8.09 -23.84 6.37
N TYR A 7 7.61 -24.88 7.04
CA TYR A 7 6.60 -24.74 8.07
C TYR A 7 6.96 -25.57 9.28
N GLU A 8 5.98 -25.82 10.15
CA GLU A 8 6.25 -26.48 11.42
C GLU A 8 6.79 -27.90 11.21
N LYS A 9 6.33 -28.55 10.14
CA LYS A 9 6.76 -29.91 9.83
C LYS A 9 8.25 -29.98 9.45
N ASP A 10 8.81 -28.83 9.09
CA ASP A 10 10.21 -28.77 8.65
C ASP A 10 11.15 -28.40 9.78
N VAL A 11 10.59 -28.17 10.97
CA VAL A 11 11.40 -27.87 12.14
C VAL A 11 11.78 -29.22 12.76
N LYS A 12 12.99 -29.68 12.42
CA LYS A 12 13.35 -31.08 12.63
C LYS A 12 13.76 -31.41 14.06
N VAL A 13 14.25 -30.42 14.79
CA VAL A 13 14.70 -30.61 16.16
C VAL A 13 14.17 -29.48 17.05
N ALA A 14 13.56 -29.85 18.18
CA ALA A 14 13.08 -28.87 19.14
C ALA A 14 14.24 -28.32 19.95
N ALA A 15 15.12 -27.57 19.29
CA ALA A 15 16.44 -27.26 19.82
C ALA A 15 16.41 -26.34 21.03
N LEU A 16 15.28 -25.67 21.25
CA LEU A 16 15.16 -24.78 22.41
C LEU A 16 14.76 -25.55 23.67
N ASP A 17 14.55 -26.86 23.53
CA ASP A 17 14.21 -27.72 24.66
C ASP A 17 15.25 -27.61 25.75
N GLY A 18 14.83 -27.27 26.96
CA GLY A 18 15.72 -27.22 28.10
C GLY A 18 16.71 -26.07 28.08
N LYS A 19 16.53 -25.16 27.14
CA LYS A 19 17.39 -23.98 27.04
C LYS A 19 16.88 -22.85 27.91
N LYS A 20 17.79 -22.14 28.56
CA LYS A 20 17.43 -20.91 29.24
C LYS A 20 17.52 -19.78 28.23
N ILE A 21 16.38 -19.17 27.93
CA ILE A 21 16.29 -18.12 26.92
C ILE A 21 16.19 -16.73 27.54
N ALA A 22 17.14 -15.86 27.19
CA ALA A 22 17.04 -14.44 27.56
C ALA A 22 16.68 -13.59 26.35
N VAL A 23 15.63 -12.79 26.50
CA VAL A 23 15.32 -11.80 25.47
C VAL A 23 15.83 -10.44 25.93
N ILE A 24 16.73 -9.87 25.14
CA ILE A 24 17.31 -8.57 25.48
C ILE A 24 16.50 -7.46 24.85
N GLY A 25 15.91 -6.62 25.69
CA GLY A 25 15.03 -5.58 25.21
C GLY A 25 13.59 -5.97 25.45
N TYR A 26 12.78 -5.00 25.85
CA TYR A 26 11.37 -5.26 26.06
C TYR A 26 10.54 -4.16 25.41
N GLY A 27 10.91 -3.79 24.20
CA GLY A 27 10.10 -2.93 23.36
C GLY A 27 9.02 -3.81 22.75
N SER A 28 8.38 -3.33 21.69
CA SER A 28 7.30 -4.10 21.08
C SER A 28 7.84 -5.43 20.57
N GLN A 29 9.03 -5.38 20.00
CA GLN A 29 9.70 -6.56 19.44
C GLN A 29 10.10 -7.55 20.54
N GLY A 30 10.83 -7.07 21.54
CA GLY A 30 11.19 -7.88 22.68
C GLY A 30 9.97 -8.48 23.37
N HIS A 31 8.97 -7.65 23.62
CA HIS A 31 7.72 -8.12 24.22
C HIS A 31 7.07 -9.23 23.39
N ALA A 32 6.99 -9.04 22.08
CA ALA A 32 6.36 -10.01 21.21
C ALA A 32 7.04 -11.37 21.25
N HIS A 33 8.36 -11.38 21.05
CA HIS A 33 9.10 -12.64 21.02
C HIS A 33 8.95 -13.36 22.36
N ALA A 34 9.12 -12.61 23.44
CA ALA A 34 9.08 -13.18 24.79
C ALA A 34 7.72 -13.78 25.13
N GLN A 35 6.65 -13.02 24.90
CA GLN A 35 5.30 -13.50 25.18
C GLN A 35 4.94 -14.73 24.36
N ASN A 36 5.25 -14.67 23.06
CA ASN A 36 4.97 -15.77 22.15
C ASN A 36 5.66 -17.08 22.54
N LEU A 37 6.95 -16.97 22.86
CA LEU A 37 7.72 -18.15 23.25
C LEU A 37 7.16 -18.76 24.52
N ARG A 38 6.68 -17.90 25.42
CA ARG A 38 6.12 -18.37 26.68
C ARG A 38 4.83 -19.15 26.46
N ASP A 39 3.93 -18.62 25.63
CA ASP A 39 2.68 -19.30 25.36
C ASP A 39 2.89 -20.56 24.52
N SER A 40 4.06 -20.66 23.89
CA SER A 40 4.41 -21.83 23.10
C SER A 40 4.98 -22.92 23.99
N GLY A 41 5.32 -22.55 25.22
CA GLY A 41 5.77 -23.51 26.21
C GLY A 41 7.25 -23.44 26.51
N ARG A 42 7.91 -22.37 26.06
CA ARG A 42 9.34 -22.19 26.30
C ARG A 42 9.62 -21.43 27.58
N ASP A 43 10.90 -21.41 27.98
CA ASP A 43 11.33 -20.83 29.25
C ASP A 43 12.10 -19.52 29.06
N VAL A 44 11.43 -18.39 29.28
CA VAL A 44 11.99 -17.08 28.93
C VAL A 44 12.18 -16.12 30.10
N ILE A 45 13.35 -15.50 30.15
CA ILE A 45 13.62 -14.40 31.07
C ILE A 45 13.98 -13.14 30.27
N ILE A 46 13.84 -11.96 30.88
CA ILE A 46 14.10 -10.72 30.17
C ILE A 46 15.27 -9.95 30.78
N GLY A 47 16.11 -9.39 29.92
CA GLY A 47 17.19 -8.52 30.35
C GLY A 47 17.09 -7.15 29.72
N VAL A 48 17.18 -6.11 30.55
CA VAL A 48 16.99 -4.74 30.08
C VAL A 48 17.42 -3.75 31.16
N ARG A 49 17.87 -2.57 30.75
CA ARG A 49 18.24 -1.50 31.68
C ARG A 49 17.06 -1.12 32.57
N PRO A 50 17.33 -0.58 33.76
CA PRO A 50 16.24 -0.15 34.65
C PRO A 50 15.35 0.91 34.03
N GLY A 51 14.04 0.79 34.20
CA GLY A 51 13.11 1.76 33.66
C GLY A 51 11.69 1.25 33.46
N LYS A 52 10.99 1.88 32.52
CA LYS A 52 9.60 1.53 32.23
C LYS A 52 9.45 0.10 31.75
N SER A 53 10.33 -0.30 30.83
CA SER A 53 10.28 -1.64 30.26
C SER A 53 10.63 -2.69 31.30
N PHE A 54 11.62 -2.40 32.14
CA PHE A 54 12.04 -3.33 33.19
C PHE A 54 10.86 -3.72 34.07
N ASP A 55 10.13 -2.73 34.54
CA ASP A 55 9.03 -2.99 35.46
C ASP A 55 7.77 -3.48 34.74
N LYS A 56 7.61 -3.12 33.46
CA LYS A 56 6.52 -3.71 32.68
C LYS A 56 6.77 -5.20 32.48
N ALA A 57 8.04 -5.57 32.34
CA ALA A 57 8.41 -6.97 32.21
C ALA A 57 8.17 -7.67 33.55
N LYS A 58 8.58 -7.01 34.63
CA LYS A 58 8.39 -7.55 35.98
C LYS A 58 6.91 -7.69 36.29
N GLU A 59 6.09 -6.77 35.77
CA GLU A 59 4.66 -6.80 36.00
C GLU A 59 3.97 -7.72 34.99
N ASP A 60 4.71 -8.16 33.99
CA ASP A 60 4.18 -9.09 33.01
C ASP A 60 4.39 -10.54 33.47
N GLY A 61 5.17 -10.71 34.52
CA GLY A 61 5.37 -12.02 35.11
C GLY A 61 6.70 -12.66 34.73
N PHE A 62 7.51 -11.94 33.96
CA PHE A 62 8.82 -12.45 33.58
C PHE A 62 9.84 -12.18 34.67
N ASP A 63 10.64 -13.19 34.98
CA ASP A 63 11.81 -12.97 35.82
C ASP A 63 12.72 -12.01 35.08
N THR A 64 12.86 -10.80 35.63
CA THR A 64 13.54 -9.73 34.92
C THR A 64 14.86 -9.38 35.59
N TYR A 65 15.91 -9.26 34.78
CA TYR A 65 17.23 -8.89 35.27
C TYR A 65 17.79 -7.77 34.42
N THR A 66 18.97 -7.30 34.79
CA THR A 66 19.76 -6.44 33.92
C THR A 66 20.23 -7.24 32.70
N VAL A 67 20.83 -6.57 31.73
CA VAL A 67 21.29 -7.25 30.51
C VAL A 67 22.43 -8.21 30.83
N ALA A 68 23.35 -7.75 31.68
CA ALA A 68 24.52 -8.54 32.04
C ALA A 68 24.13 -9.84 32.74
N GLU A 69 23.17 -9.76 33.67
CA GLU A 69 22.81 -10.93 34.46
C GLU A 69 21.87 -11.86 33.72
N ALA A 70 21.05 -11.32 32.84
CA ALA A 70 20.18 -12.15 32.02
C ALA A 70 21.03 -13.00 31.07
N THR A 71 22.05 -12.36 30.51
CA THR A 71 22.98 -13.03 29.61
C THR A 71 23.74 -14.14 30.35
N LYS A 72 24.19 -13.83 31.55
CA LYS A 72 24.91 -14.81 32.39
C LYS A 72 24.12 -16.09 32.59
N LEU A 73 22.82 -15.93 32.83
CA LEU A 73 21.96 -17.06 33.13
C LEU A 73 21.55 -17.87 31.90
N ALA A 74 21.61 -17.26 30.72
CA ALA A 74 20.98 -17.85 29.53
C ALA A 74 21.88 -18.66 28.62
N ASP A 75 21.29 -19.68 28.00
CA ASP A 75 21.93 -20.45 26.92
C ASP A 75 21.71 -19.76 25.57
N VAL A 76 20.53 -19.17 25.41
CA VAL A 76 20.15 -18.52 24.16
C VAL A 76 19.80 -17.06 24.45
N ILE A 77 20.52 -16.14 23.81
CA ILE A 77 20.34 -14.69 24.04
C ILE A 77 19.90 -13.98 22.74
N MET A 78 18.63 -13.57 22.69
CA MET A 78 18.11 -12.83 21.53
C MET A 78 18.15 -11.32 21.76
N ILE A 79 18.87 -10.61 20.90
CA ILE A 79 19.07 -9.17 21.04
C ILE A 79 18.07 -8.40 20.18
N LEU A 80 17.09 -7.76 20.84
CA LEU A 80 16.06 -7.01 20.14
C LEU A 80 16.09 -5.56 20.58
N ALA A 81 17.15 -4.86 20.19
CA ALA A 81 17.32 -3.44 20.49
C ALA A 81 17.65 -2.75 19.17
N PRO A 82 17.48 -1.41 19.11
CA PRO A 82 17.76 -0.72 17.86
C PRO A 82 19.19 -0.92 17.36
N ASP A 83 19.36 -1.06 16.04
CA ASP A 83 20.67 -1.22 15.41
C ASP A 83 21.72 -0.30 16.04
N GLU A 84 21.32 0.95 16.28
CA GLU A 84 22.25 1.97 16.73
C GLU A 84 22.78 1.80 18.16
N ILE A 85 22.10 1.03 19.00
CA ILE A 85 22.60 0.87 20.36
C ILE A 85 23.18 -0.53 20.63
N GLN A 86 23.01 -1.46 19.68
CA GLN A 86 23.42 -2.84 19.91
C GLN A 86 24.91 -3.03 20.21
N GLN A 87 25.77 -2.31 19.48
CA GLN A 87 27.20 -2.50 19.63
C GLN A 87 27.69 -2.14 21.03
N GLU A 88 27.35 -0.93 21.47
CA GLU A 88 27.68 -0.49 22.83
C GLU A 88 27.15 -1.47 23.86
N LEU A 89 25.89 -1.83 23.72
CA LEU A 89 25.24 -2.74 24.64
C LEU A 89 25.89 -4.12 24.62
N TYR A 90 26.29 -4.58 23.44
CA TYR A 90 26.91 -5.90 23.31
C TYR A 90 28.29 -5.93 23.98
N GLU A 91 29.11 -4.94 23.69
CA GLU A 91 30.47 -4.91 24.21
C GLU A 91 30.49 -4.76 25.72
N ALA A 92 29.58 -3.96 26.25
CA ALA A 92 29.59 -3.62 27.67
C ALA A 92 28.90 -4.68 28.54
N GLU A 93 27.76 -5.18 28.08
CA GLU A 93 26.90 -6.01 28.92
C GLU A 93 26.81 -7.47 28.49
N ILE A 94 26.90 -7.73 27.19
CA ILE A 94 26.65 -9.08 26.69
C ILE A 94 27.95 -9.88 26.52
N ALA A 95 28.88 -9.35 25.72
CA ALA A 95 30.13 -10.07 25.42
C ALA A 95 30.83 -10.65 26.65
N PRO A 96 31.02 -9.86 27.73
CA PRO A 96 31.74 -10.44 28.87
C PRO A 96 30.96 -11.54 29.61
N ASN A 97 29.70 -11.77 29.25
CA ASN A 97 28.88 -12.77 29.94
C ASN A 97 28.49 -13.96 29.06
N LEU A 98 29.15 -14.10 27.92
CA LEU A 98 28.91 -15.25 27.05
C LEU A 98 29.78 -16.44 27.45
N GLU A 99 29.26 -17.65 27.23
CA GLU A 99 30.03 -18.87 27.44
C GLU A 99 30.03 -19.69 26.17
N ALA A 100 31.07 -20.51 25.99
CA ALA A 100 31.12 -21.41 24.85
C ALA A 100 29.86 -22.25 24.81
N GLY A 101 29.26 -22.37 23.62
CA GLY A 101 28.08 -23.19 23.48
C GLY A 101 26.80 -22.38 23.50
N ASN A 102 26.88 -21.14 23.97
CA ASN A 102 25.76 -20.22 23.92
C ASN A 102 25.32 -19.98 22.48
N ALA A 103 24.13 -19.41 22.30
CA ALA A 103 23.69 -18.94 20.98
C ALA A 103 23.19 -17.51 21.13
N VAL A 104 23.68 -16.62 20.26
CA VAL A 104 23.19 -15.24 20.22
C VAL A 104 22.32 -15.03 18.98
N GLY A 105 21.15 -14.42 19.17
CA GLY A 105 20.23 -14.20 18.07
C GLY A 105 20.01 -12.73 17.79
N PHE A 106 19.65 -12.44 16.55
CA PHE A 106 19.21 -11.11 16.11
C PHE A 106 17.98 -11.26 15.24
N ALA A 107 17.22 -10.18 15.07
CA ALA A 107 16.11 -10.21 14.13
C ALA A 107 16.41 -9.42 12.87
N HIS A 108 17.60 -8.82 12.82
CA HIS A 108 18.10 -8.20 11.60
C HIS A 108 19.63 -8.25 11.63
N GLY A 109 20.23 -8.37 10.44
CA GLY A 109 21.63 -8.73 10.35
C GLY A 109 22.65 -7.60 10.25
N PHE A 110 22.19 -6.35 10.33
CA PHE A 110 23.06 -5.20 10.10
C PHE A 110 24.41 -5.25 10.87
N ASN A 111 24.35 -5.38 12.18
CA ASN A 111 25.58 -5.25 12.96
C ASN A 111 26.50 -6.46 12.82
N ILE A 112 25.92 -7.64 12.64
CA ILE A 112 26.73 -8.86 12.49
C ILE A 112 27.30 -8.90 11.06
N HIS A 113 26.47 -8.60 10.08
CA HIS A 113 26.94 -8.63 8.69
C HIS A 113 28.04 -7.60 8.42
N PHE A 114 27.84 -6.36 8.87
CA PHE A 114 28.82 -5.32 8.63
C PHE A 114 29.93 -5.33 9.69
N GLU A 115 29.87 -6.31 10.59
CA GLU A 115 30.93 -6.63 11.55
C GLU A 115 31.22 -5.52 12.56
N PHE A 116 30.20 -4.74 12.88
CA PHE A 116 30.24 -3.83 14.01
C PHE A 116 30.25 -4.65 15.29
N ILE A 117 29.63 -5.83 15.24
CA ILE A 117 29.69 -6.79 16.33
C ILE A 117 30.31 -8.09 15.83
N LYS A 118 31.30 -8.59 16.57
CA LYS A 118 31.94 -9.89 16.30
C LYS A 118 31.78 -10.81 17.51
N VAL A 119 30.96 -11.84 17.36
CA VAL A 119 30.69 -12.80 18.44
C VAL A 119 31.78 -13.88 18.41
N PRO A 120 32.28 -14.29 19.60
CA PRO A 120 33.36 -15.29 19.62
C PRO A 120 32.96 -16.58 18.89
N ALA A 121 33.95 -17.26 18.29
CA ALA A 121 33.67 -18.35 17.37
C ALA A 121 33.21 -19.65 18.01
N ASP A 122 33.18 -19.71 19.34
CA ASP A 122 32.60 -20.87 20.00
C ASP A 122 31.18 -20.60 20.48
N VAL A 123 30.56 -19.56 19.91
CA VAL A 123 29.18 -19.20 20.24
C VAL A 123 28.42 -19.13 18.93
N ASP A 124 27.21 -19.66 18.90
CA ASP A 124 26.38 -19.64 17.70
C ASP A 124 25.84 -18.24 17.47
N VAL A 125 25.63 -17.87 16.20
CA VAL A 125 24.89 -16.65 15.89
C VAL A 125 23.81 -16.98 14.88
N PHE A 126 22.56 -16.73 15.26
CA PHE A 126 21.42 -17.07 14.40
C PHE A 126 20.51 -15.87 14.23
N MET A 127 19.54 -16.02 13.34
CA MET A 127 18.56 -14.97 13.10
CA MET A 127 18.57 -14.98 13.05
C MET A 127 17.16 -15.54 12.89
N CYS A 128 16.19 -14.88 13.51
CA CYS A 128 14.80 -15.07 13.14
CA CYS A 128 14.79 -15.07 13.17
C CYS A 128 14.25 -13.67 12.90
N ALA A 129 13.81 -13.42 11.68
CA ALA A 129 13.40 -12.08 11.28
C ALA A 129 11.97 -12.07 10.78
N PRO A 130 11.01 -11.92 11.70
CA PRO A 130 9.59 -11.86 11.28
C PRO A 130 9.34 -10.62 10.45
N LYS A 131 8.50 -10.78 9.44
CA LYS A 131 8.21 -9.70 8.51
C LYS A 131 7.03 -8.88 8.97
N GLY A 132 7.16 -8.30 10.16
CA GLY A 132 6.12 -7.46 10.73
C GLY A 132 6.59 -6.86 12.03
N PRO A 133 5.91 -5.80 12.47
CA PRO A 133 6.27 -5.11 13.73
C PRO A 133 5.84 -5.91 14.94
N GLY A 134 6.42 -5.58 16.09
CA GLY A 134 6.20 -6.30 17.33
C GLY A 134 4.74 -6.57 17.66
N HIS A 135 3.89 -5.55 17.53
CA HIS A 135 2.49 -5.71 17.94
C HIS A 135 1.79 -6.73 17.06
N LEU A 136 2.16 -6.77 15.78
CA LEU A 136 1.59 -7.73 14.85
C LEU A 136 2.11 -9.15 15.09
N VAL A 137 3.39 -9.27 15.41
CA VAL A 137 3.98 -10.59 15.70
C VAL A 137 3.26 -11.20 16.91
N ARG A 138 2.97 -10.38 17.90
CA ARG A 138 2.27 -10.83 19.10
C ARG A 138 0.79 -11.15 18.81
N ARG A 139 0.09 -10.20 18.19
CA ARG A 139 -1.34 -10.33 17.99
C ARG A 139 -1.71 -11.52 17.12
N THR A 140 -0.99 -11.72 16.02
CA THR A 140 -1.26 -12.84 15.13
C THR A 140 -1.05 -14.16 15.86
N TYR A 141 -0.01 -14.21 16.69
CA TYR A 141 0.27 -15.38 17.52
C TYR A 141 -0.85 -15.61 18.54
N GLU A 142 -1.38 -14.52 19.11
CA GLU A 142 -2.46 -14.62 20.07
C GLU A 142 -3.72 -15.15 19.40
N GLU A 143 -3.89 -14.79 18.13
CA GLU A 143 -5.04 -15.22 17.35
C GLU A 143 -4.83 -16.61 16.76
N GLY A 144 -3.65 -17.18 16.96
CA GLY A 144 -3.41 -18.55 16.54
C GLY A 144 -2.65 -18.76 15.25
N PHE A 145 -2.34 -17.70 14.51
CA PHE A 145 -1.36 -17.86 13.44
C PHE A 145 -0.09 -17.07 13.74
N GLY A 146 0.40 -16.27 12.80
CA GLY A 146 1.64 -15.56 13.01
C GLY A 146 2.03 -14.69 11.82
N VAL A 147 3.28 -14.25 11.81
CA VAL A 147 3.85 -13.49 10.71
C VAL A 147 4.97 -14.31 10.05
N PRO A 148 5.05 -14.32 8.70
CA PRO A 148 6.14 -15.11 8.10
C PRO A 148 7.52 -14.57 8.48
N ALA A 149 8.53 -15.42 8.42
CA ALA A 149 9.86 -14.97 8.85
C ALA A 149 10.97 -15.56 8.01
N LEU A 150 12.07 -14.84 7.95
CA LEU A 150 13.32 -15.38 7.42
C LEU A 150 14.11 -15.95 8.59
N TYR A 151 14.90 -16.97 8.33
CA TYR A 151 15.88 -17.37 9.33
C TYR A 151 17.23 -17.53 8.65
N ALA A 152 18.29 -17.42 9.45
CA ALA A 152 19.66 -17.52 8.95
C ALA A 152 20.60 -17.87 10.09
N VAL A 153 21.80 -18.33 9.73
CA VAL A 153 22.85 -18.59 10.69
C VAL A 153 24.14 -17.95 10.15
N TYR A 154 24.79 -17.13 10.98
CA TYR A 154 26.04 -16.49 10.58
C TYR A 154 27.24 -17.34 10.93
N GLN A 155 27.20 -17.97 12.10
CA GLN A 155 28.26 -18.88 12.53
C GLN A 155 27.66 -19.98 13.37
N ASP A 156 28.11 -21.20 13.12
CA ASP A 156 27.58 -22.38 13.79
C ASP A 156 28.73 -23.09 14.48
N ALA A 157 28.83 -22.91 15.78
CA ALA A 157 29.90 -23.55 16.56
C ALA A 157 29.47 -24.92 17.09
N THR A 158 28.21 -25.02 17.49
CA THR A 158 27.70 -26.22 18.15
C THR A 158 27.16 -27.27 17.20
N GLY A 159 26.80 -26.84 15.99
CA GLY A 159 26.13 -27.70 15.04
C GLY A 159 24.62 -27.64 15.22
N ASN A 160 24.17 -26.83 16.16
CA ASN A 160 22.74 -26.75 16.47
C ASN A 160 22.13 -25.43 16.05
N ALA A 161 22.93 -24.53 15.49
CA ALA A 161 22.48 -23.15 15.28
C ALA A 161 21.26 -23.06 14.37
N LYS A 162 21.19 -23.88 13.31
CA LYS A 162 20.04 -23.80 12.39
C LYS A 162 18.78 -24.30 13.07
N ASN A 163 18.89 -25.39 13.81
CA ASN A 163 17.74 -25.90 14.54
C ASN A 163 17.24 -24.92 15.60
N ILE A 164 18.18 -24.21 16.21
CA ILE A 164 17.81 -23.17 17.17
C ILE A 164 17.02 -22.07 16.46
N ALA A 165 17.54 -21.60 15.33
CA ALA A 165 16.84 -20.57 14.54
C ALA A 165 15.43 -20.99 14.15
N MET A 166 15.29 -22.21 13.63
CA MET A 166 14.00 -22.66 13.16
C MET A 166 13.03 -22.91 14.31
N ASP A 167 13.55 -23.38 15.44
CA ASP A 167 12.69 -23.59 16.60
C ASP A 167 12.27 -22.27 17.22
N TRP A 168 13.14 -21.26 17.14
CA TRP A 168 12.77 -19.91 17.55
C TRP A 168 11.62 -19.41 16.69
N CYS A 169 11.75 -19.52 15.38
CA CYS A 169 10.66 -19.09 14.51
CA CYS A 169 10.68 -19.19 14.42
C CYS A 169 9.38 -19.90 14.80
N LYS A 170 9.52 -21.16 15.18
CA LYS A 170 8.34 -21.93 15.55
C LYS A 170 7.76 -21.38 16.85
N GLY A 171 8.65 -21.07 17.79
CA GLY A 171 8.24 -20.56 19.09
C GLY A 171 7.50 -19.23 19.02
N VAL A 172 7.85 -18.39 18.05
CA VAL A 172 7.19 -17.07 17.96
C VAL A 172 6.01 -17.09 16.99
N GLY A 173 5.70 -18.25 16.43
CA GLY A 173 4.53 -18.42 15.59
C GLY A 173 4.75 -18.31 14.09
N ALA A 174 5.99 -17.99 13.68
CA ALA A 174 6.28 -17.78 12.27
C ALA A 174 6.13 -19.05 11.43
N ALA A 175 6.44 -20.20 12.01
CA ALA A 175 6.39 -21.43 11.23
C ALA A 175 4.95 -21.84 10.90
N ARG A 176 3.99 -21.27 11.63
CA ARG A 176 2.58 -21.47 11.32
C ARG A 176 2.21 -20.94 9.95
N VAL A 177 2.94 -19.93 9.49
CA VAL A 177 2.56 -19.27 8.23
C VAL A 177 3.61 -19.36 7.13
N GLY A 178 4.89 -19.52 7.48
CA GLY A 178 5.89 -19.71 6.45
C GLY A 178 7.25 -19.17 6.80
N LEU A 179 8.28 -19.98 6.56
CA LEU A 179 9.69 -19.62 6.78
C LEU A 179 10.49 -19.68 5.48
N LEU A 180 11.41 -18.73 5.31
CA LEU A 180 12.38 -18.82 4.21
C LEU A 180 13.80 -18.71 4.75
N GLU A 181 14.64 -19.66 4.36
CA GLU A 181 16.04 -19.63 4.76
C GLU A 181 16.80 -18.60 3.94
N THR A 182 17.72 -17.89 4.58
CA THR A 182 18.53 -16.90 3.89
C THR A 182 19.90 -16.88 4.54
N THR A 183 20.71 -15.88 4.20
CA THR A 183 22.00 -15.70 4.87
C THR A 183 21.99 -14.33 5.53
N TYR A 184 22.90 -14.11 6.47
CA TYR A 184 22.98 -12.78 7.10
C TYR A 184 23.22 -11.69 6.04
N LYS A 185 24.08 -11.98 5.08
CA LYS A 185 24.40 -11.02 4.02
C LYS A 185 23.17 -10.71 3.19
N GLU A 186 22.49 -11.74 2.70
CA GLU A 186 21.35 -11.48 1.84
C GLU A 186 20.22 -10.83 2.60
N GLU A 187 19.95 -11.26 3.83
CA GLU A 187 18.87 -10.63 4.62
C GLU A 187 19.16 -9.15 4.79
N THR A 188 20.39 -8.85 5.19
CA THR A 188 20.75 -7.47 5.45
C THR A 188 20.68 -6.61 4.19
N GLU A 189 21.26 -7.11 3.09
CA GLU A 189 21.31 -6.30 1.89
C GLU A 189 19.96 -6.12 1.24
N GLU A 190 19.15 -7.18 1.21
CA GLU A 190 17.81 -7.09 0.60
C GLU A 190 16.88 -6.23 1.43
N ASP A 191 17.00 -6.31 2.75
CA ASP A 191 16.17 -5.51 3.64
C ASP A 191 16.46 -4.03 3.46
N LEU A 192 17.75 -3.67 3.49
CA LEU A 192 18.15 -2.28 3.24
C LEU A 192 17.72 -1.84 1.83
N PHE A 193 17.94 -2.69 0.83
CA PHE A 193 17.61 -2.25 -0.53
C PHE A 193 16.11 -2.04 -0.69
N GLY A 194 15.32 -2.99 -0.22
CA GLY A 194 13.88 -2.90 -0.40
C GLY A 194 13.32 -1.64 0.22
N GLU A 195 13.69 -1.34 1.46
CA GLU A 195 13.12 -0.16 2.10
C GLU A 195 13.65 1.13 1.47
N GLN A 196 14.88 1.12 0.99
CA GLN A 196 15.46 2.31 0.38
C GLN A 196 14.91 2.59 -1.03
N ALA A 197 14.97 1.59 -1.89
CA ALA A 197 14.63 1.82 -3.29
C ALA A 197 13.14 1.73 -3.61
N VAL A 198 12.38 1.00 -2.80
CA VAL A 198 10.98 0.75 -3.13
C VAL A 198 10.02 1.11 -1.99
N LEU A 199 10.10 0.45 -0.85
CA LEU A 199 9.02 0.52 0.14
C LEU A 199 8.89 1.85 0.81
N CYS A 200 10.02 2.44 1.20
CA CYS A 200 9.99 3.67 1.97
C CYS A 200 10.56 4.81 1.15
N GLY A 201 11.84 4.74 0.78
CA GLY A 201 12.45 5.79 -0.03
C GLY A 201 11.78 6.03 -1.39
N GLY A 202 11.80 5.01 -2.24
CA GLY A 202 11.20 5.17 -3.55
C GLY A 202 9.75 5.60 -3.48
N LEU A 203 8.99 4.97 -2.59
CA LEU A 203 7.55 5.21 -2.51
C LEU A 203 7.23 6.64 -2.05
N THR A 204 7.84 7.10 -0.95
CA THR A 204 7.55 8.46 -0.50
C THR A 204 8.00 9.47 -1.54
N ALA A 205 9.12 9.20 -2.20
CA ALA A 205 9.64 10.14 -3.19
C ALA A 205 8.76 10.14 -4.43
N LEU A 206 8.21 9.00 -4.80
CA LEU A 206 7.27 8.90 -5.91
C LEU A 206 6.01 9.72 -5.63
N ILE A 207 5.44 9.51 -4.45
CA ILE A 207 4.22 10.22 -4.04
C ILE A 207 4.49 11.71 -4.02
N GLU A 208 5.60 12.11 -3.41
CA GLU A 208 5.92 13.54 -3.30
C GLU A 208 6.10 14.20 -4.67
N ALA A 209 6.76 13.51 -5.59
CA ALA A 209 6.97 14.07 -6.92
C ALA A 209 5.65 14.27 -7.63
N GLY A 210 4.75 13.29 -7.51
CA GLY A 210 3.43 13.38 -8.11
C GLY A 210 2.65 14.56 -7.55
N PHE A 211 2.71 14.71 -6.22
CA PHE A 211 2.05 15.82 -5.55
C PHE A 211 2.57 17.16 -6.05
N GLU A 212 3.90 17.25 -6.19
CA GLU A 212 4.52 18.45 -6.73
C GLU A 212 4.09 18.76 -8.15
N VAL A 213 4.08 17.73 -9.02
CA VAL A 213 3.70 17.97 -10.39
C VAL A 213 2.27 18.54 -10.45
N LEU A 214 1.34 17.96 -9.68
CA LEU A 214 -0.05 18.40 -9.74
C LEU A 214 -0.19 19.82 -9.19
N THR A 215 0.41 20.06 -8.04
CA THR A 215 0.20 21.34 -7.34
C THR A 215 0.90 22.47 -8.07
N GLU A 216 2.06 22.17 -8.66
CA GLU A 216 2.78 23.16 -9.45
C GLU A 216 2.05 23.50 -10.73
N ALA A 217 1.28 22.54 -11.24
CA ALA A 217 0.49 22.76 -12.45
C ALA A 217 -0.83 23.46 -12.14
N GLY A 218 -1.11 23.70 -10.86
CA GLY A 218 -2.29 24.47 -10.49
C GLY A 218 -3.47 23.68 -9.96
N TYR A 219 -3.32 22.36 -9.87
CA TYR A 219 -4.40 21.55 -9.32
C TYR A 219 -4.45 21.71 -7.81
N ALA A 220 -5.63 21.50 -7.23
CA ALA A 220 -5.79 21.76 -5.81
C ALA A 220 -5.09 20.70 -4.95
N PRO A 221 -4.34 21.14 -3.93
CA PRO A 221 -3.57 20.23 -3.07
C PRO A 221 -4.44 19.20 -2.34
N GLU A 222 -5.63 19.59 -1.91
CA GLU A 222 -6.52 18.66 -1.21
C GLU A 222 -6.91 17.51 -2.12
N LEU A 223 -7.22 17.84 -3.37
CA LEU A 223 -7.56 16.84 -4.34
C LEU A 223 -6.33 15.99 -4.70
N ALA A 224 -5.18 16.64 -4.84
CA ALA A 224 -3.94 15.93 -5.14
C ALA A 224 -3.60 14.92 -4.04
N TYR A 225 -3.87 15.28 -2.78
CA TYR A 225 -3.62 14.36 -1.66
C TYR A 225 -4.32 13.01 -1.89
N PHE A 226 -5.56 13.05 -2.38
CA PHE A 226 -6.28 11.80 -2.58
C PHE A 226 -5.71 11.02 -3.74
N GLU A 227 -5.29 11.73 -4.79
CA GLU A 227 -4.90 11.05 -6.02
C GLU A 227 -3.48 10.50 -6.01
N VAL A 228 -2.65 10.90 -5.05
CA VAL A 228 -1.32 10.30 -5.00
C VAL A 228 -1.02 9.59 -3.69
N LEU A 229 -1.85 9.80 -2.66
CA LEU A 229 -1.57 9.21 -1.35
C LEU A 229 -2.75 8.43 -0.79
N HIS A 230 -3.88 9.08 -0.53
CA HIS A 230 -4.99 8.40 0.16
C HIS A 230 -5.44 7.14 -0.57
N GLU A 231 -5.57 7.22 -1.90
CA GLU A 231 -6.04 6.08 -2.70
C GLU A 231 -5.01 4.98 -2.89
N MET A 232 -3.76 5.21 -2.47
CA MET A 232 -2.76 4.17 -2.64
CA MET A 232 -2.71 4.21 -2.57
C MET A 232 -3.04 2.97 -1.76
N LYS A 233 -3.67 3.19 -0.61
CA LYS A 233 -3.90 2.08 0.34
C LYS A 233 -4.72 0.97 -0.29
N LEU A 234 -5.82 1.29 -0.96
CA LEU A 234 -6.60 0.19 -1.52
C LEU A 234 -5.90 -0.46 -2.71
N ILE A 235 -5.09 0.31 -3.43
CA ILE A 235 -4.30 -0.28 -4.52
C ILE A 235 -3.28 -1.31 -3.99
N VAL A 236 -2.55 -0.93 -2.95
CA VAL A 236 -1.54 -1.83 -2.38
C VAL A 236 -2.22 -2.99 -1.67
N ASP A 237 -3.38 -2.74 -1.07
CA ASP A 237 -4.14 -3.84 -0.47
C ASP A 237 -4.44 -4.90 -1.52
N LEU A 238 -4.88 -4.45 -2.70
CA LEU A 238 -5.15 -5.39 -3.79
C LEU A 238 -3.91 -6.17 -4.27
N ILE A 239 -2.78 -5.48 -4.40
CA ILE A 239 -1.54 -6.12 -4.81
C ILE A 239 -1.06 -7.12 -3.75
N TYR A 240 -1.23 -6.75 -2.48
CA TYR A 240 -0.90 -7.62 -1.36
C TYR A 240 -1.70 -8.92 -1.40
N GLU A 241 -2.99 -8.80 -1.73
CA GLU A 241 -3.90 -9.94 -1.78
C GLU A 241 -3.75 -10.76 -3.05
N GLY A 242 -3.54 -10.10 -4.18
CA GLY A 242 -3.54 -10.80 -5.46
C GLY A 242 -2.60 -10.34 -6.55
N GLY A 243 -1.51 -9.65 -6.18
CA GLY A 243 -0.52 -9.22 -7.15
C GLY A 243 -1.02 -8.09 -8.04
N PHE A 244 -0.20 -7.73 -9.04
CA PHE A 244 -0.58 -6.70 -10.00
C PHE A 244 -1.89 -7.11 -10.67
N LYS A 245 -2.08 -8.42 -10.83
CA LYS A 245 -3.23 -8.95 -11.59
C LYS A 245 -4.58 -8.59 -10.97
N LYS A 246 -4.72 -8.84 -9.68
CA LYS A 246 -5.95 -8.49 -8.97
C LYS A 246 -6.20 -6.98 -8.97
N MET A 247 -5.16 -6.20 -8.72
CA MET A 247 -5.29 -4.76 -8.69
C MET A 247 -5.82 -4.24 -10.02
N ARG A 248 -5.23 -4.72 -11.10
CA ARG A 248 -5.55 -4.21 -12.42
C ARG A 248 -6.94 -4.69 -12.89
N GLN A 249 -7.48 -5.72 -12.24
CA GLN A 249 -8.86 -6.15 -12.52
C GLN A 249 -9.89 -5.21 -11.86
N SER A 250 -9.53 -4.69 -10.69
CA SER A 250 -10.42 -3.83 -9.91
C SER A 250 -10.52 -2.42 -10.48
N ILE A 251 -9.39 -1.89 -10.94
CA ILE A 251 -9.38 -0.52 -11.44
C ILE A 251 -10.08 -0.49 -12.81
N SER A 252 -10.44 0.70 -13.27
CA SER A 252 -11.11 0.78 -14.56
C SER A 252 -10.17 0.38 -15.70
N ASN A 253 -10.72 0.07 -16.85
CA ASN A 253 -9.86 -0.23 -18.00
C ASN A 253 -9.04 0.98 -18.38
N THR A 254 -9.59 2.16 -18.09
CA THR A 254 -8.92 3.40 -18.37
C THR A 254 -7.67 3.52 -17.50
N ALA A 255 -7.85 3.27 -16.23
CA ALA A 255 -6.74 3.28 -15.28
C ALA A 255 -5.70 2.20 -15.61
N GLU A 256 -6.18 1.03 -16.00
CA GLU A 256 -5.30 -0.09 -16.29
C GLU A 256 -4.41 0.19 -17.51
N TYR A 257 -5.01 0.73 -18.56
CA TYR A 257 -4.28 1.11 -19.74
C TYR A 257 -3.23 2.19 -19.41
N GLY A 258 -3.65 3.17 -18.61
CA GLY A 258 -2.75 4.23 -18.17
C GLY A 258 -1.57 3.67 -17.38
N ASP A 259 -1.86 2.67 -16.54
CA ASP A 259 -0.84 1.97 -15.76
C ASP A 259 0.22 1.37 -16.71
N TYR A 260 -0.21 0.60 -17.68
CA TYR A 260 0.71 -0.06 -18.62
C TYR A 260 1.54 0.93 -19.44
N VAL A 261 0.90 2.03 -19.86
CA VAL A 261 1.55 2.96 -20.77
C VAL A 261 2.46 3.93 -20.02
N SER A 262 1.97 4.44 -18.90
CA SER A 262 2.70 5.52 -18.25
C SER A 262 3.69 5.06 -17.20
N GLY A 263 3.46 3.91 -16.59
CA GLY A 263 4.40 3.40 -15.61
C GLY A 263 5.82 3.37 -16.14
N PRO A 264 6.01 2.79 -17.34
CA PRO A 264 7.34 2.77 -17.95
C PRO A 264 7.87 4.14 -18.39
N ARG A 265 7.02 5.14 -18.60
CA ARG A 265 7.51 6.47 -18.91
C ARG A 265 8.11 7.14 -17.68
N VAL A 266 7.60 6.78 -16.51
CA VAL A 266 8.03 7.37 -15.23
C VAL A 266 9.24 6.63 -14.65
N ILE A 267 9.12 5.31 -14.55
CA ILE A 267 10.21 4.46 -14.07
C ILE A 267 10.92 3.84 -15.27
N THR A 268 12.00 4.50 -15.66
CA THR A 268 12.74 4.19 -16.87
C THR A 268 13.97 3.35 -16.58
N GLU A 269 14.70 3.02 -17.64
CA GLU A 269 15.99 2.35 -17.49
C GLU A 269 16.90 3.12 -16.57
N GLN A 270 16.88 4.44 -16.68
CA GLN A 270 17.75 5.28 -15.86
C GLN A 270 17.37 5.18 -14.39
N VAL A 271 16.08 5.03 -14.09
CA VAL A 271 15.66 4.84 -12.70
C VAL A 271 16.18 3.51 -12.18
N LYS A 272 16.14 2.50 -13.03
CA LYS A 272 16.65 1.20 -12.63
C LYS A 272 18.16 1.29 -12.36
N GLU A 273 18.88 2.08 -13.15
CA GLU A 273 20.30 2.27 -12.92
C GLU A 273 20.54 3.02 -11.60
N ASN A 274 19.67 3.98 -11.29
CA ASN A 274 19.72 4.66 -10.01
C ASN A 274 19.59 3.67 -8.85
N MET A 275 18.66 2.73 -8.98
CA MET A 275 18.49 1.68 -7.98
C MET A 275 19.73 0.82 -7.86
N LYS A 276 20.38 0.55 -8.98
CA LYS A 276 21.60 -0.26 -8.92
C LYS A 276 22.69 0.47 -8.13
N ALA A 277 22.72 1.80 -8.22
CA ALA A 277 23.67 2.58 -7.44
C ALA A 277 23.34 2.54 -5.94
N VAL A 278 22.05 2.57 -5.62
CA VAL A 278 21.62 2.40 -4.25
C VAL A 278 22.05 1.02 -3.71
N LEU A 279 21.85 -0.02 -4.50
CA LEU A 279 22.27 -1.36 -4.10
C LEU A 279 23.78 -1.43 -3.90
N ALA A 280 24.53 -0.79 -4.79
CA ALA A 280 25.99 -0.81 -4.71
C ALA A 280 26.49 -0.26 -3.36
N ASP A 281 25.89 0.83 -2.91
CA ASP A 281 26.30 1.47 -1.66
C ASP A 281 25.86 0.68 -0.42
N ILE A 282 24.89 -0.20 -0.61
CA ILE A 282 24.52 -1.15 0.44
C ILE A 282 25.55 -2.29 0.50
N GLN A 283 25.91 -2.81 -0.68
CA GLN A 283 26.84 -3.93 -0.72
C GLN A 283 28.27 -3.57 -0.32
N ASN A 284 28.70 -2.34 -0.61
CA ASN A 284 30.09 -1.96 -0.34
C ASN A 284 30.33 -1.31 1.04
N GLY A 285 29.29 -1.30 1.89
CA GLY A 285 29.41 -0.76 3.22
C GLY A 285 29.28 0.76 3.33
N LYS A 286 29.17 1.46 2.20
CA LYS A 286 29.12 2.92 2.27
C LYS A 286 27.88 3.43 3.02
N PHE A 287 26.69 2.89 2.70
CA PHE A 287 25.49 3.32 3.41
C PHE A 287 25.58 3.03 4.91
N ALA A 288 26.00 1.81 5.25
CA ALA A 288 26.12 1.41 6.66
C ALA A 288 27.02 2.39 7.40
N ASN A 289 28.15 2.73 6.81
CA ASN A 289 29.11 3.63 7.45
C ASN A 289 28.52 5.02 7.58
N ASP A 290 27.82 5.46 6.55
CA ASP A 290 27.20 6.79 6.56
C ASP A 290 26.16 6.90 7.65
N PHE A 291 25.36 5.85 7.82
CA PHE A 291 24.35 5.85 8.88
C PHE A 291 24.98 5.88 10.26
N VAL A 292 25.95 5.00 10.50
CA VAL A 292 26.59 4.97 11.79
C VAL A 292 27.36 6.25 12.07
N ASN A 293 28.01 6.80 11.06
CA ASN A 293 28.74 8.05 11.27
C ASN A 293 27.78 9.21 11.58
N ASP A 294 26.63 9.24 10.90
CA ASP A 294 25.66 10.29 11.23
C ASP A 294 25.19 10.14 12.66
N TYR A 295 24.95 8.91 13.09
CA TYR A 295 24.47 8.69 14.44
CA TYR A 295 24.50 8.64 14.45
C TYR A 295 25.52 9.12 15.48
N LYS A 296 26.78 8.76 15.25
CA LYS A 296 27.87 9.09 16.18
C LYS A 296 28.06 10.61 16.28
N ALA A 297 27.72 11.30 15.20
CA ALA A 297 27.89 12.75 15.14
C ALA A 297 26.70 13.53 15.71
N GLY A 298 25.74 12.84 16.32
CA GLY A 298 24.57 13.52 16.84
C GLY A 298 23.37 13.58 15.91
N ARG A 299 23.34 12.70 14.92
CA ARG A 299 22.30 12.65 13.89
C ARG A 299 22.04 13.96 13.12
N PRO A 300 23.09 14.65 12.67
CA PRO A 300 22.77 15.94 12.02
C PRO A 300 22.03 15.82 10.68
N LYS A 301 22.35 14.80 9.88
CA LYS A 301 21.64 14.66 8.61
C LYS A 301 20.21 14.23 8.89
N LEU A 302 20.06 13.26 9.78
CA LEU A 302 18.73 12.79 10.14
C LEU A 302 17.89 13.95 10.68
N THR A 303 18.51 14.81 11.46
CA THR A 303 17.81 15.99 11.98
C THR A 303 17.30 16.90 10.87
N ALA A 304 18.16 17.22 9.91
CA ALA A 304 17.76 18.12 8.82
C ALA A 304 16.67 17.48 7.97
N TYR A 305 16.82 16.19 7.73
CA TYR A 305 15.84 15.46 6.92
C TYR A 305 14.46 15.47 7.56
N ARG A 306 14.42 15.25 8.88
CA ARG A 306 13.17 15.20 9.63
C ARG A 306 12.47 16.56 9.65
N GLU A 307 13.25 17.62 9.88
CA GLU A 307 12.66 18.95 9.89
C GLU A 307 12.15 19.34 8.51
N GLN A 308 12.86 18.91 7.46
CA GLN A 308 12.41 19.18 6.09
C GLN A 308 11.11 18.45 5.79
N ALA A 309 11.04 17.20 6.23
CA ALA A 309 9.85 16.39 6.01
C ALA A 309 8.66 16.99 6.76
N ALA A 310 8.91 17.60 7.91
CA ALA A 310 7.84 18.21 8.68
C ALA A 310 7.23 19.41 7.96
N ASN A 311 7.99 20.01 7.05
CA ASN A 311 7.53 21.20 6.32
C ASN A 311 6.83 20.92 4.99
N LEU A 312 6.75 19.66 4.59
CA LEU A 312 6.17 19.34 3.29
C LEU A 312 4.70 19.71 3.22
N GLU A 313 4.29 20.32 2.11
CA GLU A 313 2.90 20.71 1.94
CA GLU A 313 2.90 20.71 1.94
C GLU A 313 1.97 19.51 2.01
N ILE A 314 2.39 18.38 1.44
CA ILE A 314 1.51 17.21 1.44
C ILE A 314 1.27 16.72 2.86
N GLU A 315 2.22 16.99 3.76
CA GLU A 315 2.09 16.52 5.13
C GLU A 315 1.20 17.45 5.93
N LYS A 316 1.26 18.73 5.63
CA LYS A 316 0.40 19.72 6.27
C LYS A 316 -1.05 19.60 5.75
N VAL A 317 -1.22 19.56 4.43
CA VAL A 317 -2.55 19.36 3.86
C VAL A 317 -3.13 18.02 4.30
N GLY A 318 -2.29 16.98 4.28
CA GLY A 318 -2.74 15.66 4.68
C GLY A 318 -3.20 15.52 6.12
N ALA A 319 -2.49 16.15 7.05
CA ALA A 319 -2.88 16.07 8.45
C ALA A 319 -4.27 16.69 8.63
N GLU A 320 -4.48 17.79 7.93
CA GLU A 320 -5.77 18.50 7.98
C GLU A 320 -6.89 17.64 7.42
N LEU A 321 -6.66 17.00 6.28
CA LEU A 321 -7.68 16.15 5.67
C LEU A 321 -7.97 14.90 6.50
N ARG A 322 -6.93 14.31 7.08
CA ARG A 322 -7.13 13.11 7.90
C ARG A 322 -7.88 13.46 9.18
N LYS A 323 -7.69 14.68 9.65
CA LYS A 323 -8.49 15.21 10.74
C LYS A 323 -9.96 15.23 10.34
N ALA A 324 -10.21 15.67 9.10
CA ALA A 324 -11.56 15.84 8.58
C ALA A 324 -12.24 14.51 8.26
N MET A 325 -11.44 13.44 8.24
CA MET A 325 -11.95 12.10 7.99
C MET A 325 -11.57 11.14 9.12
N PRO A 326 -12.35 11.16 10.22
CA PRO A 326 -12.08 10.37 11.43
C PRO A 326 -11.88 8.87 11.15
N VAL B 3 -10.50 24.43 -1.09
CA VAL B 3 -11.71 23.63 -1.02
C VAL B 3 -11.85 23.07 0.40
N GLN B 4 -13.08 22.99 0.90
CA GLN B 4 -13.33 22.48 2.24
C GLN B 4 -14.21 21.23 2.17
N MET B 5 -13.92 20.25 3.03
CA MET B 5 -14.65 18.98 3.01
CA MET B 5 -14.66 18.98 2.99
C MET B 5 -16.10 19.14 3.45
N GLU B 6 -17.00 18.46 2.75
CA GLU B 6 -18.42 18.55 3.04
C GLU B 6 -19.02 17.21 3.45
N TYR B 7 -20.12 17.26 4.19
CA TYR B 7 -20.75 16.07 4.73
C TYR B 7 -22.26 16.14 4.53
N GLU B 8 -22.99 15.24 5.17
CA GLU B 8 -24.44 15.17 4.96
C GLU B 8 -25.13 16.48 5.36
N LYS B 9 -24.61 17.14 6.39
CA LYS B 9 -25.19 18.41 6.84
C LYS B 9 -25.09 19.48 5.75
N ASP B 10 -24.15 19.29 4.82
CA ASP B 10 -23.92 20.25 3.76
C ASP B 10 -24.74 19.98 2.51
N VAL B 11 -25.49 18.88 2.51
CA VAL B 11 -26.38 18.58 1.41
C VAL B 11 -27.72 19.28 1.68
N LYS B 12 -27.80 20.52 1.23
CA LYS B 12 -28.93 21.42 1.49
C LYS B 12 -30.29 20.90 1.04
N VAL B 13 -30.33 20.24 -0.13
CA VAL B 13 -31.59 19.82 -0.76
C VAL B 13 -31.54 18.37 -1.23
N ALA B 14 -32.56 17.58 -0.87
CA ALA B 14 -32.61 16.18 -1.25
C ALA B 14 -33.12 16.04 -2.69
N ALA B 15 -32.30 16.49 -3.63
CA ALA B 15 -32.71 16.69 -5.02
C ALA B 15 -33.09 15.40 -5.76
N LEU B 16 -32.70 14.25 -5.23
CA LEU B 16 -33.11 12.98 -5.84
C LEU B 16 -34.52 12.57 -5.39
N ASP B 17 -35.13 13.39 -4.54
CA ASP B 17 -36.50 13.14 -4.10
C ASP B 17 -37.43 13.13 -5.30
N GLY B 18 -38.20 12.06 -5.45
CA GLY B 18 -39.21 11.99 -6.48
C GLY B 18 -38.66 11.71 -7.86
N LYS B 19 -37.39 11.30 -7.94
CA LYS B 19 -36.76 10.96 -9.20
C LYS B 19 -36.71 9.48 -9.46
N LYS B 20 -37.04 9.08 -10.68
CA LYS B 20 -36.76 7.73 -11.12
C LYS B 20 -35.32 7.68 -11.59
N ILE B 21 -34.54 6.76 -11.02
CA ILE B 21 -33.11 6.68 -11.29
C ILE B 21 -32.76 5.44 -12.08
N ALA B 22 -32.03 5.61 -13.17
CA ALA B 22 -31.49 4.49 -13.91
C ALA B 22 -29.98 4.44 -13.76
N VAL B 23 -29.48 3.31 -13.31
CA VAL B 23 -28.05 3.07 -13.33
C VAL B 23 -27.76 2.22 -14.56
N ILE B 24 -26.86 2.72 -15.41
CA ILE B 24 -26.48 2.03 -16.63
C ILE B 24 -25.18 1.25 -16.41
N GLY B 25 -25.25 -0.06 -16.57
CA GLY B 25 -24.12 -0.91 -16.25
C GLY B 25 -24.25 -1.47 -14.85
N TYR B 26 -23.45 -2.49 -14.54
CA TYR B 26 -23.55 -3.19 -13.25
C TYR B 26 -22.25 -3.89 -12.88
N GLY B 27 -21.13 -3.20 -13.07
CA GLY B 27 -19.82 -3.75 -12.77
C GLY B 27 -19.29 -3.26 -11.43
N SER B 28 -18.02 -2.87 -11.41
CA SER B 28 -17.39 -2.37 -10.18
CA SER B 28 -17.40 -2.38 -10.18
C SER B 28 -18.25 -1.29 -9.53
N GLN B 29 -18.39 -0.15 -10.21
CA GLN B 29 -19.16 0.96 -9.65
C GLN B 29 -20.67 0.73 -9.72
N GLY B 30 -21.15 0.21 -10.85
CA GLY B 30 -22.57 0.05 -11.07
C GLY B 30 -23.35 -0.65 -9.97
N HIS B 31 -22.86 -1.79 -9.50
CA HIS B 31 -23.59 -2.56 -8.51
C HIS B 31 -23.59 -1.79 -7.18
N ALA B 32 -22.46 -1.16 -6.88
CA ALA B 32 -22.29 -0.42 -5.63
C ALA B 32 -23.21 0.80 -5.56
N HIS B 33 -23.23 1.63 -6.60
CA HIS B 33 -24.10 2.80 -6.60
C HIS B 33 -25.56 2.40 -6.49
N ALA B 34 -25.97 1.44 -7.32
CA ALA B 34 -27.36 1.02 -7.33
C ALA B 34 -27.81 0.45 -5.98
N GLN B 35 -26.99 -0.41 -5.40
CA GLN B 35 -27.32 -1.06 -4.14
C GLN B 35 -27.34 -0.05 -2.98
N ASN B 36 -26.34 0.80 -2.90
CA ASN B 36 -26.32 1.85 -1.88
C ASN B 36 -27.52 2.79 -1.98
N LEU B 37 -27.82 3.26 -3.19
CA LEU B 37 -28.95 4.17 -3.38
C LEU B 37 -30.26 3.50 -3.04
N ARG B 38 -30.39 2.22 -3.40
CA ARG B 38 -31.59 1.46 -3.07
C ARG B 38 -31.75 1.40 -1.55
N ASP B 39 -30.70 1.00 -0.85
CA ASP B 39 -30.70 0.98 0.61
C ASP B 39 -31.02 2.35 1.20
N SER B 40 -30.65 3.41 0.50
CA SER B 40 -30.94 4.77 0.96
C SER B 40 -32.37 5.21 0.63
N GLY B 41 -33.16 4.32 0.04
CA GLY B 41 -34.55 4.61 -0.22
C GLY B 41 -34.86 5.23 -1.56
N ARG B 42 -33.87 5.27 -2.46
CA ARG B 42 -34.11 5.86 -3.78
C ARG B 42 -34.73 4.83 -4.72
N ASP B 43 -35.39 5.32 -5.75
CA ASP B 43 -36.09 4.50 -6.74
C ASP B 43 -35.17 4.18 -7.91
N VAL B 44 -34.54 3.01 -7.87
CA VAL B 44 -33.48 2.66 -8.81
C VAL B 44 -33.80 1.49 -9.72
N ILE B 45 -33.58 1.69 -11.02
CA ILE B 45 -33.67 0.61 -11.99
C ILE B 45 -32.33 0.44 -12.70
N ILE B 46 -32.13 -0.70 -13.34
CA ILE B 46 -30.87 -0.99 -14.03
C ILE B 46 -31.10 -1.11 -15.53
N GLY B 47 -30.21 -0.49 -16.31
CA GLY B 47 -30.20 -0.69 -17.76
C GLY B 47 -28.87 -1.30 -18.14
N VAL B 48 -28.88 -2.48 -18.77
CA VAL B 48 -27.63 -3.15 -19.09
C VAL B 48 -27.86 -4.18 -20.21
N ARG B 49 -26.82 -4.51 -20.95
CA ARG B 49 -26.88 -5.53 -22.00
C ARG B 49 -26.96 -6.93 -21.41
N PRO B 50 -27.54 -7.89 -22.15
CA PRO B 50 -27.46 -9.28 -21.73
C PRO B 50 -26.00 -9.74 -21.66
N GLY B 51 -25.64 -10.57 -20.70
CA GLY B 51 -26.57 -11.08 -19.71
C GLY B 51 -25.95 -11.32 -18.35
N LYS B 52 -24.62 -11.41 -18.30
CA LYS B 52 -23.92 -11.76 -17.06
C LYS B 52 -23.76 -10.59 -16.09
N SER B 53 -24.02 -9.36 -16.52
CA SER B 53 -24.29 -8.27 -15.59
C SER B 53 -25.80 -8.13 -15.40
N PHE B 54 -26.53 -8.46 -16.46
CA PHE B 54 -27.98 -8.44 -16.47
C PHE B 54 -28.57 -9.42 -15.45
N ASP B 55 -28.04 -10.64 -15.40
CA ASP B 55 -28.56 -11.67 -14.52
C ASP B 55 -28.34 -11.35 -13.05
N LYS B 56 -27.10 -11.00 -12.71
CA LYS B 56 -26.72 -10.67 -11.34
C LYS B 56 -27.56 -9.53 -10.83
N ALA B 57 -27.87 -8.58 -11.71
CA ALA B 57 -28.68 -7.44 -11.35
C ALA B 57 -30.13 -7.85 -11.10
N LYS B 58 -30.62 -8.85 -11.82
CA LYS B 58 -32.01 -9.26 -11.64
C LYS B 58 -32.13 -10.24 -10.47
N GLU B 59 -31.06 -10.99 -10.22
CA GLU B 59 -31.01 -11.85 -9.03
C GLU B 59 -30.87 -11.02 -7.78
N ASP B 60 -30.25 -9.85 -7.91
CA ASP B 60 -30.13 -8.92 -6.79
C ASP B 60 -31.42 -8.13 -6.59
N GLY B 61 -32.45 -8.50 -7.34
CA GLY B 61 -33.79 -7.97 -7.13
C GLY B 61 -34.14 -6.69 -7.86
N PHE B 62 -33.27 -6.25 -8.76
CA PHE B 62 -33.51 -5.02 -9.51
C PHE B 62 -34.39 -5.24 -10.72
N ASP B 63 -35.30 -4.31 -10.97
CA ASP B 63 -35.94 -4.22 -12.28
C ASP B 63 -34.86 -3.90 -13.30
N THR B 64 -34.56 -4.87 -14.16
CA THR B 64 -33.45 -4.74 -15.10
C THR B 64 -33.94 -4.67 -16.54
N TYR B 65 -33.72 -3.52 -17.18
CA TYR B 65 -34.13 -3.30 -18.55
C TYR B 65 -32.94 -3.20 -19.50
N THR B 66 -33.23 -3.04 -20.79
CA THR B 66 -32.23 -2.61 -21.74
C THR B 66 -31.84 -1.19 -21.39
N VAL B 67 -30.71 -0.73 -21.92
CA VAL B 67 -30.24 0.62 -21.66
C VAL B 67 -31.24 1.68 -22.16
N ALA B 68 -31.77 1.47 -23.36
CA ALA B 68 -32.73 2.42 -23.92
C ALA B 68 -34.00 2.55 -23.09
N GLU B 69 -34.53 1.41 -22.65
CA GLU B 69 -35.77 1.38 -21.87
C GLU B 69 -35.59 2.05 -20.51
N ALA B 70 -34.50 1.70 -19.84
CA ALA B 70 -34.19 2.25 -18.52
C ALA B 70 -34.07 3.77 -18.62
N THR B 71 -33.41 4.23 -19.69
CA THR B 71 -33.20 5.66 -19.88
C THR B 71 -34.52 6.38 -20.08
N LYS B 72 -35.39 5.79 -20.89
CA LYS B 72 -36.68 6.39 -21.18
C LYS B 72 -37.52 6.54 -19.91
N LEU B 73 -37.44 5.55 -19.02
CA LEU B 73 -38.21 5.56 -17.78
C LEU B 73 -37.68 6.57 -16.74
N ALA B 74 -36.45 7.03 -16.91
CA ALA B 74 -35.73 7.70 -15.82
C ALA B 74 -35.65 9.22 -15.93
N ASP B 75 -35.56 9.87 -14.76
CA ASP B 75 -35.27 11.30 -14.67
C ASP B 75 -33.76 11.51 -14.57
N VAL B 76 -33.11 10.59 -13.87
CA VAL B 76 -31.67 10.68 -13.61
C VAL B 76 -31.01 9.41 -14.11
N ILE B 77 -29.99 9.56 -14.95
CA ILE B 77 -29.35 8.42 -15.59
C ILE B 77 -27.84 8.44 -15.31
N MET B 78 -27.36 7.48 -14.52
CA MET B 78 -25.94 7.41 -14.17
C MET B 78 -25.25 6.36 -15.03
N ILE B 79 -24.25 6.80 -15.79
CA ILE B 79 -23.61 5.93 -16.78
C ILE B 79 -22.35 5.31 -16.20
N LEU B 80 -22.43 4.01 -15.93
CA LEU B 80 -21.32 3.27 -15.33
C LEU B 80 -20.90 2.07 -16.18
N ALA B 81 -20.91 2.27 -17.48
CA ALA B 81 -20.28 1.35 -18.44
C ALA B 81 -18.80 1.74 -18.55
N PRO B 82 -17.95 0.87 -19.11
CA PRO B 82 -16.53 1.25 -19.26
C PRO B 82 -16.36 2.52 -20.09
N ASP B 83 -15.37 3.35 -19.76
CA ASP B 83 -15.21 4.62 -20.46
C ASP B 83 -15.09 4.47 -21.97
N GLU B 84 -14.43 3.41 -22.42
CA GLU B 84 -14.22 3.21 -23.86
C GLU B 84 -15.48 2.91 -24.64
N ILE B 85 -16.52 2.42 -23.97
CA ILE B 85 -17.72 2.10 -24.74
C ILE B 85 -18.84 3.10 -24.49
N GLN B 86 -18.62 4.06 -23.60
CA GLN B 86 -19.69 5.00 -23.28
C GLN B 86 -20.17 5.85 -24.46
N GLN B 87 -19.26 6.27 -25.35
CA GLN B 87 -19.70 7.10 -26.47
C GLN B 87 -20.66 6.35 -27.38
N GLU B 88 -20.30 5.15 -27.80
CA GLU B 88 -21.15 4.41 -28.74
C GLU B 88 -22.49 4.07 -28.08
N LEU B 89 -22.43 3.70 -26.80
CA LEU B 89 -23.61 3.34 -26.03
C LEU B 89 -24.51 4.55 -25.81
N TYR B 90 -23.90 5.69 -25.53
CA TYR B 90 -24.66 6.91 -25.32
C TYR B 90 -25.43 7.30 -26.59
N GLU B 91 -24.73 7.29 -27.71
CA GLU B 91 -25.33 7.74 -28.97
C GLU B 91 -26.46 6.83 -29.43
N ALA B 92 -26.28 5.54 -29.25
CA ALA B 92 -27.25 4.59 -29.77
C ALA B 92 -28.46 4.40 -28.86
N GLU B 93 -28.23 4.37 -27.56
CA GLU B 93 -29.25 3.91 -26.61
CA GLU B 93 -29.26 3.92 -26.64
C GLU B 93 -29.70 4.95 -25.61
N ILE B 94 -28.84 5.90 -25.29
CA ILE B 94 -29.18 6.85 -24.23
C ILE B 94 -29.72 8.17 -24.78
N ALA B 95 -28.95 8.81 -25.66
CA ALA B 95 -29.33 10.11 -26.23
C ALA B 95 -30.76 10.16 -26.81
N PRO B 96 -31.18 9.14 -27.57
CA PRO B 96 -32.53 9.19 -28.14
C PRO B 96 -33.65 9.19 -27.10
N ASN B 97 -33.32 8.83 -25.86
CA ASN B 97 -34.34 8.65 -24.84
C ASN B 97 -34.27 9.64 -23.70
N LEU B 98 -33.49 10.71 -23.90
CA LEU B 98 -33.42 11.79 -22.93
C LEU B 98 -34.57 12.77 -23.13
N GLU B 99 -34.99 13.41 -22.06
CA GLU B 99 -35.96 14.50 -22.12
C GLU B 99 -35.39 15.74 -21.43
N ALA B 100 -35.87 16.91 -21.84
CA ALA B 100 -35.46 18.15 -21.20
C ALA B 100 -35.70 18.05 -19.70
N GLY B 101 -34.73 18.47 -18.91
CA GLY B 101 -34.87 18.44 -17.47
C GLY B 101 -34.32 17.18 -16.82
N ASN B 102 -33.99 16.17 -17.63
CA ASN B 102 -33.28 14.99 -17.15
C ASN B 102 -31.92 15.39 -16.61
N ALA B 103 -31.26 14.47 -15.93
CA ALA B 103 -29.89 14.67 -15.49
C ALA B 103 -29.09 13.42 -15.81
N VAL B 104 -27.89 13.62 -16.37
CA VAL B 104 -27.03 12.51 -16.72
C VAL B 104 -25.79 12.56 -15.84
N GLY B 105 -25.46 11.43 -15.22
CA GLY B 105 -24.32 11.39 -14.33
C GLY B 105 -23.23 10.46 -14.79
N PHE B 106 -22.03 10.72 -14.30
CA PHE B 106 -20.86 9.87 -14.51
C PHE B 106 -20.11 9.74 -13.19
N ALA B 107 -19.23 8.74 -13.11
CA ALA B 107 -18.35 8.62 -11.94
C ALA B 107 -16.89 8.94 -12.28
N HIS B 108 -16.65 9.31 -13.53
CA HIS B 108 -15.34 9.77 -14.00
C HIS B 108 -15.62 10.64 -15.22
N GLY B 109 -14.87 11.72 -15.38
CA GLY B 109 -15.22 12.74 -16.35
C GLY B 109 -14.67 12.58 -17.76
N PHE B 110 -13.97 11.46 -18.00
CA PHE B 110 -13.29 11.20 -19.29
C PHE B 110 -14.11 11.57 -20.52
N ASN B 111 -15.28 10.97 -20.71
CA ASN B 111 -16.02 11.18 -21.95
C ASN B 111 -16.59 12.59 -22.11
N ILE B 112 -17.03 13.19 -21.01
CA ILE B 112 -17.63 14.52 -21.05
C ILE B 112 -16.53 15.58 -21.18
N HIS B 113 -15.47 15.45 -20.38
CA HIS B 113 -14.39 16.43 -20.46
C HIS B 113 -13.71 16.46 -21.83
N PHE B 114 -13.39 15.29 -22.39
CA PHE B 114 -12.72 15.24 -23.69
C PHE B 114 -13.72 15.31 -24.84
N GLU B 115 -15.00 15.45 -24.48
CA GLU B 115 -16.08 15.75 -25.42
C GLU B 115 -16.32 14.63 -26.43
N PHE B 116 -16.05 13.40 -26.02
CA PHE B 116 -16.51 12.24 -26.77
C PHE B 116 -18.03 12.13 -26.68
N ILE B 117 -18.58 12.64 -25.59
CA ILE B 117 -20.02 12.74 -25.41
C ILE B 117 -20.41 14.19 -25.19
N LYS B 118 -21.43 14.63 -25.90
CA LYS B 118 -21.99 15.96 -25.70
C LYS B 118 -23.49 15.82 -25.40
N VAL B 119 -23.86 16.11 -24.16
CA VAL B 119 -25.24 15.98 -23.70
C VAL B 119 -26.00 17.27 -24.04
N PRO B 120 -27.26 17.16 -24.48
CA PRO B 120 -28.00 18.37 -24.86
C PRO B 120 -28.09 19.44 -23.76
N ALA B 121 -28.18 20.69 -24.19
CA ALA B 121 -28.09 21.87 -23.31
C ALA B 121 -29.22 21.97 -22.29
N ASP B 122 -30.30 21.21 -22.50
CA ASP B 122 -31.42 21.27 -21.58
C ASP B 122 -31.44 20.08 -20.63
N VAL B 123 -30.31 19.39 -20.53
CA VAL B 123 -30.18 18.22 -19.67
C VAL B 123 -28.96 18.47 -18.80
N ASP B 124 -29.07 18.18 -17.51
CA ASP B 124 -27.98 18.38 -16.55
C ASP B 124 -26.90 17.32 -16.76
N VAL B 125 -25.64 17.69 -16.47
CA VAL B 125 -24.57 16.69 -16.41
C VAL B 125 -23.82 16.86 -15.09
N PHE B 126 -23.79 15.80 -14.28
CA PHE B 126 -23.18 15.85 -12.96
C PHE B 126 -22.24 14.66 -12.78
N MET B 127 -21.48 14.69 -11.70
CA MET B 127 -20.60 13.58 -11.39
C MET B 127 -20.53 13.36 -9.90
N CYS B 128 -20.51 12.08 -9.53
CA CYS B 128 -20.10 11.67 -8.20
CA CYS B 128 -20.13 11.64 -8.19
C CYS B 128 -19.02 10.63 -8.40
N ALA B 129 -17.82 10.95 -7.93
CA ALA B 129 -16.66 10.09 -8.16
C ALA B 129 -16.09 9.56 -6.85
N PRO B 130 -16.57 8.37 -6.42
CA PRO B 130 -16.01 7.77 -5.20
C PRO B 130 -14.54 7.42 -5.34
N LYS B 131 -13.84 7.56 -4.23
CA LYS B 131 -12.41 7.33 -4.18
CA LYS B 131 -12.41 7.33 -4.18
C LYS B 131 -12.09 5.89 -3.79
N GLY B 132 -12.68 4.96 -4.51
CA GLY B 132 -12.47 3.54 -4.31
C GLY B 132 -13.31 2.71 -5.27
N PRO B 133 -12.91 1.47 -5.53
CA PRO B 133 -13.71 0.59 -6.39
C PRO B 133 -15.00 0.22 -5.71
N GLY B 134 -15.93 -0.34 -6.50
CA GLY B 134 -17.27 -0.64 -6.04
C GLY B 134 -17.39 -1.50 -4.80
N HIS B 135 -16.53 -2.51 -4.68
CA HIS B 135 -16.64 -3.41 -3.54
C HIS B 135 -16.45 -2.60 -2.25
N LEU B 136 -15.53 -1.64 -2.26
CA LEU B 136 -15.31 -0.81 -1.08
C LEU B 136 -16.46 0.18 -0.91
N VAL B 137 -16.91 0.78 -2.01
CA VAL B 137 -18.05 1.71 -1.94
C VAL B 137 -19.25 1.05 -1.30
N ARG B 138 -19.51 -0.20 -1.70
CA ARG B 138 -20.59 -1.01 -1.15
C ARG B 138 -20.31 -1.46 0.30
N ARG B 139 -19.15 -2.08 0.53
CA ARG B 139 -18.84 -2.64 1.84
C ARG B 139 -18.87 -1.59 2.94
N THR B 140 -18.21 -0.46 2.71
CA THR B 140 -18.19 0.62 3.69
C THR B 140 -19.61 1.11 3.99
N TYR B 141 -20.42 1.27 2.94
CA TYR B 141 -21.80 1.68 3.13
C TYR B 141 -22.55 0.72 4.06
N GLU B 142 -22.39 -0.57 3.81
CA GLU B 142 -23.10 -1.58 4.59
C GLU B 142 -22.68 -1.59 6.06
N GLU B 143 -21.45 -1.15 6.31
CA GLU B 143 -20.94 -1.07 7.68
C GLU B 143 -21.21 0.29 8.33
N GLY B 144 -22.08 1.09 7.70
CA GLY B 144 -22.51 2.36 8.27
C GLY B 144 -21.53 3.50 8.02
N PHE B 145 -20.69 3.30 7.01
CA PHE B 145 -19.50 4.08 6.77
C PHE B 145 -19.57 4.48 5.29
N GLY B 146 -18.45 4.88 4.68
CA GLY B 146 -18.47 5.13 3.25
C GLY B 146 -17.08 5.37 2.67
N VAL B 147 -17.05 5.69 1.38
CA VAL B 147 -15.84 6.08 0.70
C VAL B 147 -15.96 7.56 0.34
N PRO B 148 -14.93 8.38 0.62
CA PRO B 148 -15.06 9.79 0.25
C PRO B 148 -15.23 9.95 -1.27
N ALA B 149 -15.85 11.04 -1.69
CA ALA B 149 -16.09 11.22 -3.13
C ALA B 149 -15.87 12.66 -3.57
N LEU B 150 -15.57 12.84 -4.84
CA LEU B 150 -15.60 14.16 -5.45
C LEU B 150 -16.96 14.34 -6.10
N TYR B 151 -17.45 15.57 -6.16
CA TYR B 151 -18.60 15.83 -7.02
C TYR B 151 -18.31 17.01 -7.91
N ALA B 152 -18.99 17.05 -9.04
CA ALA B 152 -18.81 18.12 -10.03
C ALA B 152 -20.03 18.25 -10.91
N VAL B 153 -20.15 19.41 -11.54
CA VAL B 153 -21.20 19.65 -12.52
C VAL B 153 -20.56 20.21 -13.78
N TYR B 154 -20.87 19.61 -14.93
CA TYR B 154 -20.34 20.08 -16.21
C TYR B 154 -21.28 21.09 -16.88
N GLN B 155 -22.57 20.86 -16.75
CA GLN B 155 -23.57 21.78 -17.29
C GLN B 155 -24.81 21.71 -16.41
N ASP B 156 -25.30 22.88 -16.02
CA ASP B 156 -26.45 22.96 -15.13
C ASP B 156 -27.61 23.62 -15.86
N ALA B 157 -28.48 22.80 -16.43
CA ALA B 157 -29.65 23.29 -17.18
C ALA B 157 -30.79 23.70 -16.26
N THR B 158 -31.02 22.92 -15.20
CA THR B 158 -32.19 23.08 -14.35
C THR B 158 -31.98 24.01 -13.16
N GLY B 159 -30.72 24.26 -12.81
CA GLY B 159 -30.36 24.92 -11.56
C GLY B 159 -30.30 23.95 -10.39
N ASN B 160 -30.59 22.66 -10.64
CA ASN B 160 -30.58 21.65 -9.59
C ASN B 160 -29.39 20.69 -9.68
N ALA B 161 -28.50 20.90 -10.65
CA ALA B 161 -27.46 19.89 -10.94
C ALA B 161 -26.50 19.65 -9.78
N LYS B 162 -26.11 20.71 -9.07
CA LYS B 162 -25.17 20.52 -7.96
C LYS B 162 -25.84 19.77 -6.82
N ASN B 163 -27.11 20.07 -6.57
CA ASN B 163 -27.82 19.38 -5.50
C ASN B 163 -28.07 17.92 -5.83
N ILE B 164 -28.26 17.62 -7.13
CA ILE B 164 -28.40 16.23 -7.58
C ILE B 164 -27.08 15.52 -7.34
N ALA B 165 -25.99 16.17 -7.70
CA ALA B 165 -24.67 15.54 -7.51
C ALA B 165 -24.39 15.27 -6.03
N MET B 166 -24.68 16.25 -5.18
CA MET B 166 -24.39 16.07 -3.77
C MET B 166 -25.33 15.05 -3.12
N ASP B 167 -26.57 15.01 -3.59
CA ASP B 167 -27.52 14.04 -3.03
C ASP B 167 -27.19 12.63 -3.52
N TRP B 168 -26.63 12.52 -4.72
CA TRP B 168 -26.16 11.22 -5.19
C TRP B 168 -25.04 10.74 -4.27
N CYS B 169 -24.11 11.64 -3.96
CA CYS B 169 -23.00 11.27 -3.09
CA CYS B 169 -23.00 11.33 -3.05
C CYS B 169 -23.51 10.87 -1.71
N LYS B 170 -24.54 11.58 -1.22
CA LYS B 170 -25.13 11.24 0.05
C LYS B 170 -25.80 9.86 -0.03
N GLY B 171 -26.55 9.64 -1.10
CA GLY B 171 -27.27 8.38 -1.25
C GLY B 171 -26.36 7.17 -1.33
N VAL B 172 -25.14 7.35 -1.85
CA VAL B 172 -24.23 6.22 -1.92
C VAL B 172 -23.31 6.11 -0.70
N GLY B 173 -23.48 7.02 0.26
CA GLY B 173 -22.74 6.90 1.52
C GLY B 173 -21.50 7.78 1.64
N ALA B 174 -21.13 8.46 0.56
CA ALA B 174 -19.90 9.24 0.52
C ALA B 174 -19.92 10.44 1.47
N ALA B 175 -21.10 11.03 1.64
CA ALA B 175 -21.25 12.21 2.48
C ALA B 175 -21.08 11.89 3.96
N ARG B 176 -21.17 10.61 4.31
CA ARG B 176 -20.89 10.15 5.67
C ARG B 176 -19.44 10.42 6.06
N VAL B 177 -18.53 10.38 5.09
CA VAL B 177 -17.10 10.50 5.38
C VAL B 177 -16.42 11.72 4.76
N GLY B 178 -16.97 12.27 3.68
CA GLY B 178 -16.40 13.49 3.15
C GLY B 178 -16.53 13.68 1.65
N LEU B 179 -17.01 14.85 1.25
CA LEU B 179 -17.09 15.24 -0.17
C LEU B 179 -16.18 16.43 -0.48
N LEU B 180 -15.59 16.40 -1.67
CA LEU B 180 -14.85 17.56 -2.17
C LEU B 180 -15.38 17.96 -3.53
N GLU B 181 -15.73 19.24 -3.67
CA GLU B 181 -16.17 19.78 -4.95
C GLU B 181 -14.98 19.96 -5.88
N THR B 182 -15.18 19.66 -7.16
CA THR B 182 -14.15 19.87 -8.16
C THR B 182 -14.83 20.23 -9.48
N THR B 183 -14.07 20.23 -10.57
CA THR B 183 -14.65 20.44 -11.90
C THR B 183 -14.45 19.18 -12.73
N TYR B 184 -15.19 19.04 -13.82
CA TYR B 184 -15.00 17.88 -14.70
C TYR B 184 -13.55 17.84 -15.19
N LYS B 185 -12.98 18.98 -15.53
CA LYS B 185 -11.61 19.04 -16.03
C LYS B 185 -10.63 18.57 -14.97
N GLU B 186 -10.74 19.13 -13.77
CA GLU B 186 -9.81 18.82 -12.70
C GLU B 186 -9.94 17.36 -12.30
N GLU B 187 -11.17 16.87 -12.16
CA GLU B 187 -11.34 15.47 -11.79
C GLU B 187 -10.68 14.57 -12.82
N THR B 188 -10.99 14.81 -14.09
CA THR B 188 -10.49 13.92 -15.15
C THR B 188 -8.98 13.93 -15.20
N GLU B 189 -8.40 15.13 -15.18
CA GLU B 189 -6.95 15.23 -15.36
C GLU B 189 -6.18 14.74 -14.14
N GLU B 190 -6.62 15.12 -12.95
CA GLU B 190 -5.94 14.66 -11.73
C GLU B 190 -6.09 13.17 -11.53
N ASP B 191 -7.25 12.63 -11.86
CA ASP B 191 -7.49 11.20 -11.66
C ASP B 191 -6.66 10.37 -12.63
N LEU B 192 -6.62 10.78 -13.89
CA LEU B 192 -5.78 10.05 -14.86
C LEU B 192 -4.32 10.18 -14.45
N PHE B 193 -3.92 11.37 -13.97
CA PHE B 193 -2.51 11.55 -13.66
C PHE B 193 -2.09 10.71 -12.48
N GLY B 194 -2.90 10.74 -11.43
CA GLY B 194 -2.58 10.03 -10.21
C GLY B 194 -2.43 8.55 -10.47
N GLU B 195 -3.37 7.96 -11.21
CA GLU B 195 -3.29 6.51 -11.41
C GLU B 195 -2.11 6.15 -12.34
N GLN B 196 -1.80 7.02 -13.30
CA GLN B 196 -0.71 6.76 -14.24
C GLN B 196 0.67 6.96 -13.61
N ALA B 197 0.89 8.13 -13.01
CA ALA B 197 2.22 8.51 -12.54
C ALA B 197 2.59 7.92 -11.18
N VAL B 198 1.59 7.68 -10.33
CA VAL B 198 1.85 7.29 -8.93
C VAL B 198 1.15 6.00 -8.51
N LEU B 199 -0.18 5.97 -8.52
CA LEU B 199 -0.91 4.90 -7.83
C LEU B 199 -0.77 3.54 -8.48
N CYS B 200 -0.89 3.49 -9.81
CA CYS B 200 -0.89 2.23 -10.53
C CYS B 200 0.33 2.10 -11.42
N GLY B 201 0.47 2.96 -12.42
CA GLY B 201 1.64 2.91 -13.27
C GLY B 201 2.96 3.09 -12.53
N GLY B 202 3.12 4.24 -11.88
CA GLY B 202 4.35 4.50 -11.14
C GLY B 202 4.70 3.40 -10.13
N LEU B 203 3.70 2.98 -9.36
CA LEU B 203 3.90 2.03 -8.28
C LEU B 203 4.30 0.65 -8.81
N THR B 204 3.55 0.12 -9.77
CA THR B 204 3.89 -1.20 -10.29
C THR B 204 5.26 -1.19 -10.96
N ALA B 205 5.59 -0.11 -11.68
CA ALA B 205 6.87 -0.03 -12.36
C ALA B 205 8.02 0.08 -11.35
N LEU B 206 7.78 0.81 -10.26
CA LEU B 206 8.76 0.94 -9.18
C LEU B 206 9.06 -0.42 -8.54
N ILE B 207 8.00 -1.13 -8.17
CA ILE B 207 8.11 -2.47 -7.60
C ILE B 207 8.84 -3.41 -8.54
N GLU B 208 8.42 -3.42 -9.80
CA GLU B 208 9.04 -4.31 -10.78
CA GLU B 208 9.04 -4.30 -10.79
C GLU B 208 10.53 -4.00 -10.97
N ALA B 209 10.88 -2.72 -11.00
CA ALA B 209 12.27 -2.34 -11.19
C ALA B 209 13.11 -2.84 -10.02
N GLY B 210 12.57 -2.65 -8.81
CA GLY B 210 13.25 -3.12 -7.61
C GLY B 210 13.44 -4.63 -7.60
N PHE B 211 12.40 -5.34 -8.00
CA PHE B 211 12.44 -6.79 -8.14
C PHE B 211 13.50 -7.22 -9.15
N GLU B 212 13.56 -6.54 -10.30
CA GLU B 212 14.58 -6.86 -11.31
C GLU B 212 15.99 -6.60 -10.82
N VAL B 213 16.21 -5.47 -10.16
CA VAL B 213 17.54 -5.16 -9.66
C VAL B 213 18.01 -6.25 -8.69
N LEU B 214 17.12 -6.69 -7.80
CA LEU B 214 17.52 -7.72 -6.82
C LEU B 214 17.77 -9.06 -7.51
N THR B 215 16.85 -9.48 -8.36
CA THR B 215 16.99 -10.81 -8.97
C THR B 215 18.15 -10.86 -9.95
N GLU B 216 18.38 -9.79 -10.69
CA GLU B 216 19.53 -9.72 -11.60
C GLU B 216 20.86 -9.71 -10.85
N ALA B 217 20.83 -9.19 -9.62
CA ALA B 217 22.02 -9.14 -8.79
C ALA B 217 22.27 -10.49 -8.09
N GLY B 218 21.35 -11.43 -8.27
CA GLY B 218 21.52 -12.76 -7.74
C GLY B 218 20.80 -13.10 -6.44
N TYR B 219 19.97 -12.18 -5.95
CA TYR B 219 19.17 -12.47 -4.77
C TYR B 219 17.98 -13.34 -5.13
N ALA B 220 17.54 -14.18 -4.19
CA ALA B 220 16.41 -15.07 -4.44
C ALA B 220 15.10 -14.31 -4.70
N PRO B 221 14.39 -14.68 -5.77
CA PRO B 221 13.12 -14.01 -6.12
C PRO B 221 12.06 -14.13 -5.03
N GLU B 222 12.03 -15.26 -4.33
CA GLU B 222 11.06 -15.44 -3.25
C GLU B 222 11.29 -14.42 -2.17
N LEU B 223 12.55 -14.17 -1.83
CA LEU B 223 12.86 -13.19 -0.82
C LEU B 223 12.63 -11.77 -1.37
N ALA B 224 12.99 -11.56 -2.62
CA ALA B 224 12.79 -10.26 -3.25
C ALA B 224 11.30 -9.88 -3.27
N TYR B 225 10.42 -10.87 -3.45
CA TYR B 225 8.97 -10.62 -3.43
C TYR B 225 8.55 -9.95 -2.14
N PHE B 226 9.06 -10.44 -1.01
CA PHE B 226 8.68 -9.86 0.27
C PHE B 226 9.23 -8.45 0.40
N GLU B 227 10.47 -8.28 -0.07
CA GLU B 227 11.18 -7.02 0.15
C GLU B 227 10.66 -5.86 -0.66
N VAL B 228 10.04 -6.12 -1.81
CA VAL B 228 9.55 -5.00 -2.62
C VAL B 228 8.03 -4.93 -2.77
N LEU B 229 7.32 -5.97 -2.34
CA LEU B 229 5.87 -6.02 -2.54
C LEU B 229 5.13 -6.35 -1.25
N HIS B 230 5.36 -7.54 -0.70
CA HIS B 230 4.57 -8.01 0.43
C HIS B 230 4.61 -7.04 1.63
N GLU B 231 5.81 -6.54 1.95
CA GLU B 231 5.98 -5.70 3.11
C GLU B 231 5.54 -4.26 2.84
N MET B 232 5.11 -3.98 1.61
CA MET B 232 4.64 -2.62 1.30
C MET B 232 3.33 -2.28 2.02
N LYS B 233 2.48 -3.27 2.25
CA LYS B 233 1.17 -2.99 2.84
C LYS B 233 1.29 -2.32 4.20
N LEU B 234 2.19 -2.81 5.05
CA LEU B 234 2.34 -2.19 6.36
C LEU B 234 2.78 -0.73 6.25
N ILE B 235 3.66 -0.44 5.29
CA ILE B 235 4.15 0.92 5.11
C ILE B 235 3.06 1.87 4.62
N VAL B 236 2.29 1.41 3.63
CA VAL B 236 1.25 2.28 3.05
C VAL B 236 0.07 2.44 4.02
N ASP B 237 -0.21 1.43 4.84
CA ASP B 237 -1.23 1.60 5.89
C ASP B 237 -0.83 2.71 6.86
N LEU B 238 0.45 2.76 7.25
CA LEU B 238 0.93 3.82 8.11
C LEU B 238 0.79 5.20 7.48
N ILE B 239 1.15 5.33 6.20
CA ILE B 239 1.03 6.60 5.48
C ILE B 239 -0.44 7.03 5.33
N TYR B 240 -1.30 6.06 5.05
CA TYR B 240 -2.74 6.30 4.99
C TYR B 240 -3.30 6.86 6.30
N GLU B 241 -2.84 6.30 7.42
CA GLU B 241 -3.29 6.70 8.75
C GLU B 241 -2.71 8.02 9.24
N GLY B 242 -1.43 8.27 8.93
CA GLY B 242 -0.73 9.37 9.57
C GLY B 242 0.35 10.03 8.75
N GLY B 243 0.28 9.84 7.43
CA GLY B 243 1.21 10.49 6.52
C GLY B 243 2.60 9.90 6.56
N PHE B 244 3.53 10.54 5.84
CA PHE B 244 4.94 10.13 5.88
C PHE B 244 5.41 10.18 7.32
N LYS B 245 4.89 11.14 8.09
CA LYS B 245 5.33 11.34 9.47
C LYS B 245 5.16 10.10 10.32
N LYS B 246 3.94 9.53 10.34
CA LYS B 246 3.69 8.36 11.17
C LYS B 246 4.49 7.16 10.67
N MET B 247 4.58 7.01 9.36
CA MET B 247 5.34 5.89 8.81
C MET B 247 6.81 5.96 9.23
N ARG B 248 7.41 7.13 9.13
CA ARG B 248 8.82 7.28 9.44
C ARG B 248 9.12 7.18 10.92
N GLN B 249 8.14 7.51 11.76
CA GLN B 249 8.26 7.28 13.21
C GLN B 249 8.23 5.81 13.55
N SER B 250 7.52 5.03 12.73
CA SER B 250 7.23 3.63 13.01
CA SER B 250 7.26 3.64 13.05
C SER B 250 8.37 2.72 12.58
N ILE B 251 9.00 3.06 11.46
CA ILE B 251 10.09 2.21 11.00
C ILE B 251 11.36 2.52 11.82
N SER B 252 12.36 1.67 11.66
CA SER B 252 13.62 1.87 12.38
C SER B 252 14.34 3.12 11.90
N ASN B 253 15.25 3.64 12.72
CA ASN B 253 16.04 4.80 12.31
C ASN B 253 16.90 4.48 11.09
N THR B 254 17.31 3.22 10.98
CA THR B 254 18.13 2.79 9.85
C THR B 254 17.29 2.87 8.58
N ALA B 255 16.08 2.35 8.66
CA ALA B 255 15.16 2.41 7.52
C ALA B 255 14.78 3.86 7.19
N GLU B 256 14.50 4.66 8.22
CA GLU B 256 14.12 6.05 8.02
C GLU B 256 15.25 6.82 7.34
N TYR B 257 16.47 6.63 7.82
CA TYR B 257 17.62 7.29 7.20
C TYR B 257 17.78 6.87 5.73
N GLY B 258 17.66 5.57 5.46
CA GLY B 258 17.69 5.07 4.09
C GLY B 258 16.61 5.67 3.20
N ASP B 259 15.42 5.80 3.76
CA ASP B 259 14.29 6.46 3.09
C ASP B 259 14.72 7.86 2.64
N TYR B 260 15.22 8.66 3.57
CA TYR B 260 15.58 10.04 3.26
C TYR B 260 16.68 10.17 2.23
N VAL B 261 17.68 9.29 2.32
CA VAL B 261 18.87 9.39 1.48
C VAL B 261 18.66 8.78 0.10
N SER B 262 18.01 7.64 0.06
CA SER B 262 17.90 6.90 -1.19
C SER B 262 16.66 7.23 -2.03
N GLY B 263 15.59 7.68 -1.38
CA GLY B 263 14.40 8.08 -2.13
C GLY B 263 14.74 9.08 -3.23
N PRO B 264 15.46 10.15 -2.88
CA PRO B 264 15.83 11.15 -3.90
C PRO B 264 16.85 10.66 -4.93
N ARG B 265 17.56 9.58 -4.64
CA ARG B 265 18.50 9.04 -5.61
C ARG B 265 17.72 8.30 -6.69
N VAL B 266 16.59 7.72 -6.30
CA VAL B 266 15.79 6.91 -7.20
C VAL B 266 14.81 7.80 -7.98
N ILE B 267 14.07 8.64 -7.25
CA ILE B 267 13.14 9.56 -7.89
C ILE B 267 13.78 10.95 -7.97
N THR B 268 14.39 11.21 -9.12
CA THR B 268 15.17 12.40 -9.36
C THR B 268 14.37 13.46 -10.09
N GLU B 269 15.01 14.60 -10.35
CA GLU B 269 14.38 15.65 -11.12
C GLU B 269 13.95 15.15 -12.51
N GLN B 270 14.76 14.27 -13.11
CA GLN B 270 14.40 13.70 -14.40
C GLN B 270 13.12 12.87 -14.32
N VAL B 271 12.92 12.16 -13.21
CA VAL B 271 11.67 11.40 -13.05
C VAL B 271 10.49 12.36 -12.94
N LYS B 272 10.70 13.47 -12.26
CA LYS B 272 9.64 14.48 -12.14
C LYS B 272 9.31 15.07 -13.51
N GLU B 273 10.32 15.30 -14.34
CA GLU B 273 10.09 15.73 -15.72
C GLU B 273 9.33 14.68 -16.54
N ASN B 274 9.65 13.40 -16.32
CA ASN B 274 8.90 12.31 -16.95
C ASN B 274 7.43 12.37 -16.58
N MET B 275 7.17 12.63 -15.30
CA MET B 275 5.79 12.80 -14.84
C MET B 275 5.12 13.99 -15.50
N LYS B 276 5.86 15.07 -15.70
CA LYS B 276 5.28 16.23 -16.37
C LYS B 276 4.88 15.91 -17.81
N ALA B 277 5.64 15.04 -18.47
CA ALA B 277 5.30 14.61 -19.83
C ALA B 277 4.02 13.76 -19.84
N VAL B 278 3.88 12.91 -18.81
CA VAL B 278 2.68 12.12 -18.64
C VAL B 278 1.48 13.05 -18.44
N LEU B 279 1.64 14.07 -17.62
CA LEU B 279 0.57 15.03 -17.37
C LEU B 279 0.20 15.77 -18.66
N ALA B 280 1.22 16.13 -19.45
CA ALA B 280 0.99 16.87 -20.68
C ALA B 280 0.10 16.09 -21.65
N ASP B 281 0.36 14.80 -21.76
CA ASP B 281 -0.39 13.96 -22.68
C ASP B 281 -1.79 13.67 -22.17
N ILE B 282 -2.02 13.92 -20.88
CA ILE B 282 -3.36 13.88 -20.34
C ILE B 282 -4.11 15.17 -20.71
N GLN B 283 -3.45 16.30 -20.51
CA GLN B 283 -4.09 17.58 -20.76
C GLN B 283 -4.38 17.83 -22.23
N ASN B 284 -3.53 17.30 -23.12
CA ASN B 284 -3.64 17.66 -24.54
C ASN B 284 -4.48 16.65 -25.35
N GLY B 285 -5.05 15.67 -24.66
CA GLY B 285 -5.96 14.72 -25.28
C GLY B 285 -5.26 13.54 -25.93
N LYS B 286 -3.93 13.49 -25.93
CA LYS B 286 -3.23 12.35 -26.56
C LYS B 286 -3.51 11.04 -25.91
N PHE B 287 -3.40 10.98 -24.59
CA PHE B 287 -3.69 9.73 -23.90
C PHE B 287 -5.13 9.26 -24.15
N ALA B 288 -6.08 10.18 -24.02
CA ALA B 288 -7.47 9.86 -24.22
C ALA B 288 -7.73 9.26 -25.61
N ASN B 289 -7.19 9.91 -26.64
CA ASN B 289 -7.34 9.40 -27.99
C ASN B 289 -6.65 8.06 -28.17
N ASP B 290 -5.48 7.90 -27.58
CA ASP B 290 -4.77 6.63 -27.68
C ASP B 290 -5.58 5.49 -27.07
N PHE B 291 -6.19 5.75 -25.92
CA PHE B 291 -7.00 4.74 -25.24
C PHE B 291 -8.23 4.33 -26.07
N VAL B 292 -8.95 5.34 -26.54
CA VAL B 292 -10.15 5.08 -27.33
C VAL B 292 -9.77 4.42 -28.66
N ASN B 293 -8.69 4.90 -29.28
CA ASN B 293 -8.24 4.28 -30.53
C ASN B 293 -7.82 2.83 -30.32
N ASP B 294 -7.19 2.51 -29.18
CA ASP B 294 -6.86 1.12 -28.93
C ASP B 294 -8.13 0.26 -28.86
N TYR B 295 -9.16 0.77 -28.19
CA TYR B 295 -10.41 0.02 -28.10
C TYR B 295 -10.99 -0.20 -29.51
N LYS B 296 -11.03 0.86 -30.30
CA LYS B 296 -11.62 0.79 -31.65
C LYS B 296 -10.88 -0.20 -32.53
N ALA B 297 -9.58 -0.36 -32.27
CA ALA B 297 -8.75 -1.28 -33.05
C ALA B 297 -8.80 -2.74 -32.55
N GLY B 298 -9.60 -3.00 -31.52
CA GLY B 298 -9.74 -4.34 -30.99
C GLY B 298 -8.83 -4.63 -29.80
N ARG B 299 -8.46 -3.56 -29.08
CA ARG B 299 -7.60 -3.63 -27.91
C ARG B 299 -6.23 -4.30 -28.14
N PRO B 300 -5.55 -4.01 -29.27
CA PRO B 300 -4.28 -4.71 -29.48
C PRO B 300 -3.17 -4.36 -28.48
N LYS B 301 -3.11 -3.10 -28.04
CA LYS B 301 -2.07 -2.73 -27.09
C LYS B 301 -2.39 -3.34 -25.73
N LEU B 302 -3.65 -3.19 -25.33
CA LEU B 302 -4.10 -3.73 -24.04
C LEU B 302 -3.89 -5.24 -24.01
N THR B 303 -4.10 -5.89 -25.16
CA THR B 303 -3.86 -7.32 -25.30
C THR B 303 -2.42 -7.72 -25.02
N ALA B 304 -1.48 -7.03 -25.67
CA ALA B 304 -0.07 -7.33 -25.48
C ALA B 304 0.35 -7.01 -24.04
N TYR B 305 -0.09 -5.87 -23.51
CA TYR B 305 0.26 -5.51 -22.12
C TYR B 305 -0.23 -6.53 -21.10
N ARG B 306 -1.47 -6.99 -21.27
CA ARG B 306 -2.05 -7.94 -20.32
C ARG B 306 -1.31 -9.28 -20.36
N GLU B 307 -0.93 -9.72 -21.56
CA GLU B 307 -0.21 -10.98 -21.68
C GLU B 307 1.22 -10.85 -21.14
N GLN B 308 1.86 -9.71 -21.38
CA GLN B 308 3.17 -9.44 -20.79
C GLN B 308 3.11 -9.48 -19.26
N ALA B 309 2.08 -8.85 -18.69
CA ALA B 309 1.96 -8.74 -17.23
C ALA B 309 1.68 -10.10 -16.61
N ALA B 310 0.95 -10.95 -17.34
CA ALA B 310 0.70 -12.31 -16.88
C ALA B 310 1.98 -13.13 -16.79
N ASN B 311 3.00 -12.74 -17.55
CA ASN B 311 4.23 -13.54 -17.60
C ASN B 311 5.35 -13.05 -16.71
N LEU B 312 5.10 -11.98 -15.96
CA LEU B 312 6.12 -11.41 -15.08
C LEU B 312 6.56 -12.41 -14.02
N GLU B 313 7.87 -12.54 -13.83
CA GLU B 313 8.38 -13.41 -12.77
C GLU B 313 7.80 -13.05 -11.40
N ILE B 314 7.69 -11.75 -11.10
CA ILE B 314 7.18 -11.37 -9.80
C ILE B 314 5.73 -11.83 -9.62
N GLU B 315 4.99 -11.96 -10.72
CA GLU B 315 3.60 -12.33 -10.63
C GLU B 315 3.43 -13.83 -10.48
N LYS B 316 4.34 -14.57 -11.10
CA LYS B 316 4.36 -16.02 -11.00
C LYS B 316 4.77 -16.45 -9.59
N VAL B 317 5.90 -15.91 -9.15
CA VAL B 317 6.44 -16.14 -7.82
C VAL B 317 5.46 -15.71 -6.73
N GLY B 318 4.89 -14.51 -6.90
CA GLY B 318 3.95 -14.00 -5.93
C GLY B 318 2.70 -14.86 -5.80
N ALA B 319 2.21 -15.35 -6.93
CA ALA B 319 1.05 -16.22 -6.93
C ALA B 319 1.34 -17.47 -6.12
N GLU B 320 2.54 -18.01 -6.32
CA GLU B 320 2.97 -19.22 -5.63
C GLU B 320 3.10 -18.98 -4.13
N LEU B 321 3.72 -17.85 -3.76
CA LEU B 321 3.91 -17.54 -2.35
C LEU B 321 2.59 -17.20 -1.65
N ARG B 322 1.68 -16.54 -2.36
CA ARG B 322 0.42 -16.19 -1.72
C ARG B 322 -0.44 -17.44 -1.55
N LYS B 323 -0.25 -18.42 -2.42
CA LYS B 323 -0.91 -19.71 -2.23
C LYS B 323 -0.29 -20.46 -1.05
N ALA B 324 1.03 -20.36 -0.92
CA ALA B 324 1.75 -21.05 0.14
C ALA B 324 1.57 -20.38 1.50
N MET B 325 0.82 -19.29 1.54
CA MET B 325 0.53 -18.59 2.78
C MET B 325 -0.98 -18.56 3.04
C1 GOL C . 12.50 -0.97 -15.39
O1 GOL C . 12.02 -2.17 -14.81
C2 GOL C . 12.92 -1.23 -16.82
O2 GOL C . 11.87 -1.88 -17.53
C3 GOL C . 13.23 0.09 -17.49
O3 GOL C . 13.81 -0.16 -18.76
C1 GOL D . 25.92 0.58 16.86
O1 GOL D . 25.03 -0.25 17.57
C2 GOL D . 26.39 -0.10 15.59
O2 GOL D . 25.29 -0.25 14.72
C3 GOL D . 27.45 0.76 14.92
O3 GOL D . 28.45 1.08 15.84
C1 GOL E . 1.49 18.93 10.37
O1 GOL E . 2.11 18.80 9.11
C2 GOL E . 2.06 17.87 11.31
O2 GOL E . 1.09 16.86 11.55
C3 GOL E . 3.30 17.25 10.66
O3 GOL E . 4.29 18.23 10.50
S SO4 F . 14.40 8.96 17.92
O1 SO4 F . 15.06 8.95 16.62
O2 SO4 F . 15.43 8.94 18.96
O3 SO4 F . 13.55 7.80 18.03
O4 SO4 F . 13.59 10.18 18.06
S SO4 G . 10.22 -33.24 16.59
O1 SO4 G . 11.21 -33.11 15.53
O2 SO4 G . 10.27 -32.08 17.47
O3 SO4 G . 10.47 -34.46 17.35
O4 SO4 G . 8.89 -33.33 15.97
S SO4 H . 13.43 2.56 29.45
O1 SO4 H . 13.62 4.00 29.29
O2 SO4 H . 13.96 1.87 28.28
O3 SO4 H . 12.00 2.26 29.58
O4 SO4 H . 14.14 2.10 30.64
S SO4 I . 3.43 -22.67 18.49
O1 SO4 I . 3.82 -21.29 18.27
O2 SO4 I . 3.77 -23.47 17.30
O3 SO4 I . 4.14 -23.20 19.65
O4 SO4 I . 1.99 -22.74 18.73
S SO4 J . 18.81 10.72 -13.25
O1 SO4 J . 19.94 9.95 -12.74
O2 SO4 J . 19.02 11.01 -14.67
O3 SO4 J . 18.74 11.98 -12.53
O4 SO4 J . 17.55 9.99 -13.08
S SO4 K . 14.90 8.92 -18.42
O1 SO4 K . 16.23 9.47 -18.55
O2 SO4 K . 13.95 9.83 -19.08
O3 SO4 K . 14.54 8.75 -17.01
O4 SO4 K . 14.89 7.63 -19.12
PA NAP L . -16.54 -2.25 -15.49
O1A NAP L . -15.89 -3.04 -14.37
O2A NAP L . -15.97 -2.71 -16.83
O5B NAP L . -18.14 -2.49 -15.47
C5B NAP L . -18.85 -2.44 -16.72
C4B NAP L . -20.27 -2.90 -16.51
O4B NAP L . -21.02 -2.47 -17.48
C3B NAP L . -20.31 -4.45 -16.60
O3B NAP L . -21.24 -4.93 -15.73
C2B NAP L . -20.73 -4.70 -18.06
O2B NAP L . -21.41 -6.03 -18.20
C1B NAP L . -21.54 -3.73 -18.32
N9A NAP L . -21.53 -3.44 -19.73
C8A NAP L . -20.62 -3.73 -20.70
N7A NAP L . -21.09 -3.24 -21.85
C5A NAP L . -22.29 -2.64 -21.60
C6A NAP L . -23.19 -1.99 -22.42
N6A NAP L . -23.28 -1.65 -23.81
N1A NAP L . -24.32 -1.49 -21.92
C2A NAP L . -24.58 -1.62 -20.60
N3A NAP L . -23.70 -2.26 -19.79
C4A NAP L . -22.55 -2.77 -20.30
O3 NAP L . -16.25 -0.69 -15.30
PN NAP L . -16.12 0.00 -13.88
O1N NAP L . -14.90 -0.49 -13.19
O2N NAP L . -17.36 -0.31 -13.04
O5D NAP L . -16.02 1.62 -14.10
C5D NAP L . -17.11 2.29 -14.70
C4D NAP L . -16.92 3.83 -14.52
O4D NAP L . -16.64 4.11 -13.28
C3D NAP L . -15.72 4.30 -15.35
O3D NAP L . -15.99 5.49 -15.93
C2D NAP L . -14.58 4.46 -14.32
O2D NAP L . -13.62 5.50 -14.75
C1D NAP L . -15.20 4.83 -13.24
N1N NAP L . -14.47 4.42 -12.08
C2N NAP L . -14.10 3.12 -11.92
C3N NAP L . -13.40 2.74 -10.78
C7N NAP L . -12.98 1.27 -10.60
O7N NAP L . -12.37 0.93 -9.61
N7N NAP L . -13.33 0.28 -11.60
C4N NAP L . -13.08 3.66 -9.84
C5N NAP L . -13.45 4.96 -10.00
C6N NAP L . -14.14 5.34 -11.12
P2B NAP L . -20.58 -7.26 -18.80
O1X NAP L . -21.52 -8.35 -19.26
O2X NAP L . -19.66 -7.80 -17.74
O3X NAP L . -19.77 -6.79 -19.98
MG MG M . -7.06 7.68 -9.94
MG MG N . -9.61 6.55 -12.74
C1 GOL O . -27.01 7.95 3.82
O1 GOL O . -26.31 8.04 5.03
C2 GOL O . -28.49 8.09 4.12
O2 GOL O . -29.03 9.14 3.35
C3 GOL O . -29.20 6.78 3.78
O3 GOL O . -30.60 6.96 3.92
C1 GOL P . 11.08 15.22 -6.96
O1 GOL P . 10.14 15.49 -5.95
C2 GOL P . 12.14 16.32 -6.93
O2 GOL P . 12.52 16.57 -5.61
C3 GOL P . 13.36 15.85 -7.70
O3 GOL P . 14.22 16.95 -7.94
C1 GOL Q . 10.09 13.03 0.98
O1 GOL Q . 10.17 13.30 2.38
C2 GOL Q . 11.50 13.10 0.37
O2 GOL Q . 12.35 12.14 0.95
C3 GOL Q . 11.45 12.87 -1.14
O3 GOL Q . 10.63 13.87 -1.72
C1 GOL R . 4.46 -3.74 -14.85
O1 GOL R . 3.54 -4.68 -15.38
C2 GOL R . 5.00 -2.86 -15.99
O2 GOL R . 3.96 -2.04 -16.47
C3 GOL R . 6.15 -1.98 -15.49
O3 GOL R . 7.31 -2.75 -15.30
C1 GOL S . -39.69 9.96 -15.96
O1 GOL S . -40.28 11.12 -15.42
C2 GOL S . -39.16 10.23 -17.36
O2 GOL S . -40.24 10.17 -18.27
C3 GOL S . -38.58 11.64 -17.39
O3 GOL S . -37.97 11.86 -18.64
S SO4 T . -12.05 -6.40 -20.72
O1 SO4 T . -11.23 -5.64 -19.79
O2 SO4 T . -11.44 -6.36 -22.05
O3 SO4 T . -13.38 -5.82 -20.80
O4 SO4 T . -12.14 -7.78 -20.28
S SO4 U . -16.73 -6.32 -25.43
O1 SO4 U . -16.48 -4.94 -25.83
O2 SO4 U . -15.81 -7.19 -26.16
O3 SO4 U . -16.51 -6.45 -24.00
O4 SO4 U . -18.11 -6.68 -25.76
S SO4 V . -14.91 -4.60 -7.35
O1 SO4 V . -14.00 -3.56 -6.90
O2 SO4 V . -14.88 -4.68 -8.80
O3 SO4 V . -14.50 -5.89 -6.79
O4 SO4 V . -16.27 -4.30 -6.89
S SO4 W . -7.90 4.53 -9.12
O1 SO4 W . -7.83 5.98 -9.12
O2 SO4 W . -6.86 3.99 -9.99
O3 SO4 W . -9.20 4.09 -9.63
O4 SO4 W . -7.70 4.05 -7.77
#